data_6Z7U
#
_entry.id   6Z7U
#
_cell.length_a   47.373
_cell.length_b   88.697
_cell.length_c   199.891
_cell.angle_alpha   90.000
_cell.angle_beta   90.000
_cell.angle_gamma   90.000
#
_symmetry.space_group_name_H-M   'P 21 21 21'
#
loop_
_entity.id
_entity.type
_entity.pdbx_description
1 polymer 'Myosin-2 heavy chain'
2 non-polymer 1,2-ETHANEDIOL
3 non-polymer "ADENOSINE-5'-DIPHOSPHATE"
4 non-polymer (-)-1-PHENYL-1,2,3,4-TETRAHYDRO-4-HYDROXYPYRROLO[2,3-B]-7-METHYLQUINOLIN-4-ONE
5 water water
#
_entity_poly.entity_id   1
_entity_poly.type   'polypeptide(L)'
_entity_poly.pdbx_seq_one_letter_code
;MHHHHHHHDGTENPIHDRTSDYHKYLKVKQGDSDLFKLTVSDKRYIWYNPDPKERDSYECGEIVSETSDSFTFKTVDGQD
RQVKKDDANQRNPIKFDGVEDMSELSYLNEPAVFHNLRVRYNQDLIYTYSGLFLVAVNPFKRIPIYTQEMVDIFKGRRRN
EVAPHIFAISDVAYRSMLDDRQNQSLLITGESGAGKTENTKKVIQYLASVAGRNQANGSGVLEQQILQANPILEAFGNAK
TTRNNNSSRFGKFIEIQFNSAGFISGASIQSYLLEKSRVVFQSETERNYHIFYQLLAGATAEEKKALHLAGPESFNYLNQ
SGCVDIKGVSDSEEFKITRQAMDIVGFSQEEQMSIFKIIAGILHLGNIKFEKGAGEGAVLKDKTALNAASTVFGVNPSVL
EKALMEPRILAGRDLVAQHLNVEKSSSSRDALVKALYGRLFLWLVKKINNVLCQERKAYFIGVLDISGFEIFKVNSFEQL
CINYTNEKLQQFFNHHMFKLEQEEYLKEKINWTFIDFGLDSQATIDLIDGRQPPGILALLDEQSVFPNATDNTLITKLHS
HFSKKNAKYEEPRFSKTEFGVTHYAGQVMYEIQDWLEKNKDPLQQDLELCFKDSSDNVVTKLFNDPNIASRAKKGANFIT
VAAQYKEQLASLMATLETTNPHFVRCIIPNNKQLPAKLEDKVVLDQLRCNGVLEGIRITRKGFPNRIIYADFVKRYYLLA
PNVPRDAEDSQKATDAVLKHLNIDPEQYRFGITKIFFRAGQLARIEEAREQRLESNE
;
_entity_poly.pdbx_strand_id   A
#
# COMPACT_ATOMS: atom_id res chain seq x y z
N ASN A 13 13.25 35.43 -9.51
CA ASN A 13 13.30 33.98 -9.60
C ASN A 13 13.31 33.40 -8.19
N PRO A 14 12.16 32.96 -7.65
CA PRO A 14 12.19 32.37 -6.30
C PRO A 14 13.07 31.12 -6.24
N ILE A 15 13.10 30.34 -7.33
CA ILE A 15 13.85 29.09 -7.34
C ILE A 15 15.34 29.37 -7.18
N HIS A 16 15.81 30.48 -7.75
CA HIS A 16 17.23 30.81 -7.74
C HIS A 16 17.60 31.84 -6.68
N ASP A 17 16.65 32.65 -6.24
CA ASP A 17 16.86 33.53 -5.09
C ASP A 17 16.92 32.68 -3.81
N ARG A 18 18.08 32.76 -3.13
CA ARG A 18 18.41 32.09 -1.88
C ARG A 18 17.88 32.82 -0.65
N THR A 19 17.23 33.98 -0.83
CA THR A 19 16.51 34.62 0.27
C THR A 19 15.04 34.23 0.27
N SER A 20 14.62 33.43 -0.71
CA SER A 20 13.22 33.14 -0.93
C SER A 20 12.71 32.15 0.10
N ASP A 21 11.38 32.01 0.12
CA ASP A 21 10.75 30.99 0.95
C ASP A 21 11.03 29.60 0.41
N TYR A 22 11.08 29.46 -0.92
CA TYR A 22 11.35 28.17 -1.55
C TYR A 22 12.66 27.59 -1.05
N HIS A 23 13.70 28.41 -0.95
CA HIS A 23 14.99 27.90 -0.48
C HIS A 23 15.00 27.70 1.03
N LYS A 24 14.17 28.44 1.76
CA LYS A 24 14.15 28.34 3.22
C LYS A 24 13.45 27.08 3.69
N TYR A 25 12.44 26.59 2.95
CA TYR A 25 11.63 25.47 3.39
C TYR A 25 11.74 24.24 2.51
N LEU A 26 12.36 24.35 1.33
CA LEU A 26 12.45 23.21 0.43
C LEU A 26 13.86 22.87 -0.02
N LYS A 27 14.87 23.68 0.29
CA LYS A 27 16.25 23.41 -0.09
C LYS A 27 17.12 23.30 1.16
N VAL A 28 18.34 22.74 0.99
CA VAL A 28 19.19 22.42 2.13
C VAL A 28 20.05 23.63 2.47
N LYS A 29 20.16 24.00 3.75
CA LYS A 29 20.85 25.18 4.21
C LYS A 29 22.38 25.27 4.11
N GLN A 30 23.08 24.15 4.01
CA GLN A 30 24.53 24.25 3.89
C GLN A 30 24.98 24.17 2.46
N SER A 41 35.35 16.83 8.74
CA SER A 41 36.28 15.82 9.23
C SER A 41 36.80 14.94 8.10
N ASP A 42 37.73 14.05 8.45
CA ASP A 42 38.44 13.23 7.48
C ASP A 42 38.16 11.74 7.63
N LYS A 43 37.57 11.30 8.74
CA LYS A 43 37.49 9.88 9.05
C LYS A 43 36.43 9.17 8.21
N ARG A 44 36.53 7.85 8.19
CA ARG A 44 35.59 6.99 7.49
C ARG A 44 34.78 6.19 8.50
N TYR A 45 33.45 6.19 8.36
CA TYR A 45 32.62 5.44 9.27
C TYR A 45 31.75 4.48 8.47
N ILE A 46 31.17 3.54 9.19
CA ILE A 46 30.28 2.52 8.66
C ILE A 46 29.06 2.26 9.53
N TRP A 47 27.89 2.08 8.90
CA TRP A 47 26.67 1.84 9.64
C TRP A 47 26.69 0.37 10.03
N TYR A 48 26.28 0.05 11.26
CA TYR A 48 26.34 -1.33 11.70
C TYR A 48 25.21 -1.58 12.71
N ASN A 49 24.93 -2.85 12.93
CA ASN A 49 23.88 -3.25 13.86
C ASN A 49 24.51 -3.73 15.16
N PRO A 50 24.34 -3.01 16.28
CA PRO A 50 24.79 -3.58 17.56
C PRO A 50 24.26 -4.98 17.82
N ASP A 51 22.97 -5.21 17.54
CA ASP A 51 22.35 -6.52 17.69
C ASP A 51 21.97 -7.05 16.31
N PRO A 52 22.62 -8.09 15.80
CA PRO A 52 22.36 -8.52 14.43
C PRO A 52 20.92 -8.98 14.18
N LYS A 53 20.20 -9.42 15.23
CA LYS A 53 18.81 -9.82 15.06
C LYS A 53 17.92 -8.62 14.78
N GLU A 54 18.29 -7.44 15.28
CA GLU A 54 17.57 -6.20 15.00
C GLU A 54 18.32 -5.52 13.86
N ARG A 55 17.96 -5.87 12.62
CA ARG A 55 18.74 -5.46 11.46
C ARG A 55 18.45 -4.04 11.01
N ASP A 56 17.40 -3.39 11.53
CA ASP A 56 17.07 -2.05 11.13
C ASP A 56 17.46 -0.99 12.15
N SER A 57 18.06 -1.39 13.27
CA SER A 57 18.54 -0.45 14.27
C SER A 57 20.05 -0.31 14.09
N TYR A 58 20.50 0.88 13.71
CA TYR A 58 21.90 1.08 13.36
C TYR A 58 22.58 2.07 14.30
N GLU A 59 23.88 1.87 14.46
CA GLU A 59 24.79 2.81 15.10
C GLU A 59 25.91 3.14 14.10
N CYS A 60 26.57 4.27 14.33
CA CYS A 60 27.69 4.68 13.49
C CYS A 60 29.00 4.26 14.13
N GLY A 61 29.93 3.78 13.32
CA GLY A 61 31.21 3.32 13.82
C GLY A 61 32.34 3.77 12.93
N GLU A 62 33.52 3.95 13.54
CA GLU A 62 34.70 4.42 12.81
C GLU A 62 35.47 3.25 12.25
N ILE A 63 35.89 3.35 10.99
CA ILE A 63 36.74 2.37 10.35
C ILE A 63 38.17 2.68 10.78
N VAL A 64 38.93 1.65 11.19
CA VAL A 64 40.28 1.80 11.68
C VAL A 64 41.31 1.02 10.86
N SER A 65 41.01 -0.22 10.49
CA SER A 65 41.93 -1.05 9.73
C SER A 65 41.28 -1.45 8.41
N GLU A 66 42.12 -1.84 7.44
CA GLU A 66 41.65 -2.18 6.10
C GLU A 66 42.45 -3.33 5.52
N THR A 67 41.75 -4.29 4.93
CA THR A 67 42.33 -5.47 4.33
C THR A 67 42.00 -5.48 2.85
N SER A 68 42.33 -6.58 2.19
CA SER A 68 41.85 -6.82 0.83
C SER A 68 40.36 -7.13 0.84
N ASP A 69 39.89 -7.83 1.87
CA ASP A 69 38.56 -8.44 1.91
C ASP A 69 37.67 -7.92 3.01
N SER A 70 38.12 -6.96 3.81
CA SER A 70 37.37 -6.62 5.00
C SER A 70 37.70 -5.22 5.48
N PHE A 71 36.86 -4.76 6.42
CA PHE A 71 37.08 -3.56 7.22
C PHE A 71 37.14 -3.98 8.68
N THR A 72 37.85 -3.20 9.49
CA THR A 72 37.77 -3.27 10.94
C THR A 72 37.33 -1.90 11.43
N PHE A 73 36.34 -1.87 12.32
CA PHE A 73 35.72 -0.64 12.80
C PHE A 73 35.48 -0.73 14.30
N LYS A 74 35.41 0.43 14.93
CA LYS A 74 35.15 0.54 16.36
C LYS A 74 33.67 0.79 16.58
N THR A 75 33.07 0.07 17.52
CA THR A 75 31.67 0.29 17.86
C THR A 75 31.57 1.51 18.78
N VAL A 76 30.37 1.98 19.08
CA VAL A 76 30.21 3.09 20.00
C VAL A 76 30.81 2.80 21.38
N ASP A 77 30.82 1.54 21.83
CA ASP A 77 31.38 1.29 23.15
C ASP A 77 32.91 1.08 23.10
N GLY A 78 33.51 1.19 21.93
CA GLY A 78 34.95 1.05 21.80
C GLY A 78 35.43 -0.33 21.36
N GLN A 79 34.53 -1.29 21.19
CA GLN A 79 34.98 -2.61 20.78
C GLN A 79 35.35 -2.60 19.29
N ASP A 80 36.15 -3.60 18.91
CA ASP A 80 36.58 -3.77 17.53
C ASP A 80 35.73 -4.82 16.85
N ARG A 81 35.48 -4.65 15.56
CA ARG A 81 34.66 -5.58 14.81
C ARG A 81 35.18 -5.70 13.38
N GLN A 82 35.03 -6.89 12.82
CA GLN A 82 35.39 -7.17 11.43
C GLN A 82 34.14 -7.38 10.60
N VAL A 83 34.10 -6.76 9.43
CA VAL A 83 33.05 -7.00 8.45
C VAL A 83 33.69 -7.11 7.08
N LYS A 84 33.20 -8.05 6.27
CA LYS A 84 33.72 -8.19 4.91
C LYS A 84 33.29 -7.00 4.06
N LYS A 85 34.21 -6.52 3.23
CA LYS A 85 33.96 -5.32 2.45
C LYS A 85 32.71 -5.42 1.60
N ASP A 86 32.28 -6.64 1.25
CA ASP A 86 31.08 -6.83 0.44
C ASP A 86 29.80 -6.76 1.27
N ASP A 87 29.88 -6.77 2.59
CA ASP A 87 28.68 -6.62 3.42
C ASP A 87 28.71 -5.36 4.25
N ALA A 88 29.65 -4.45 3.99
CA ALA A 88 29.82 -3.26 4.80
C ALA A 88 28.90 -2.15 4.32
N ASN A 89 28.25 -1.48 5.26
CA ASN A 89 27.37 -0.35 4.96
C ASN A 89 28.14 0.93 5.30
N GLN A 90 28.97 1.37 4.36
CA GLN A 90 29.79 2.55 4.58
C GLN A 90 28.93 3.80 4.69
N ARG A 91 29.38 4.74 5.52
CA ARG A 91 28.74 6.03 5.65
C ARG A 91 29.16 6.92 4.49
N ASN A 92 28.23 7.79 4.05
CA ASN A 92 28.55 8.67 2.93
C ASN A 92 29.26 9.93 3.42
N PRO A 93 30.20 10.47 2.64
CA PRO A 93 30.79 11.76 2.98
C PRO A 93 29.74 12.84 3.10
N ILE A 94 30.04 13.83 3.95
CA ILE A 94 29.03 14.83 4.36
C ILE A 94 28.49 15.61 3.16
N LYS A 95 29.29 15.76 2.11
CA LYS A 95 28.79 16.45 0.92
C LYS A 95 27.54 15.78 0.36
N PHE A 96 27.33 14.51 0.65
CA PHE A 96 26.16 13.78 0.19
C PHE A 96 24.95 13.95 1.10
N ASP A 97 25.07 14.71 2.18
CA ASP A 97 24.01 14.80 3.19
C ASP A 97 22.99 15.84 2.74
N GLY A 98 21.79 15.36 2.41
CA GLY A 98 20.71 16.22 1.98
C GLY A 98 20.39 16.18 0.50
N VAL A 99 20.87 15.17 -0.23
CA VAL A 99 20.62 15.10 -1.66
C VAL A 99 19.12 14.87 -1.89
N GLU A 100 18.59 15.52 -2.92
CA GLU A 100 17.15 15.45 -3.20
C GLU A 100 16.73 14.09 -3.75
N ASP A 101 17.66 13.33 -4.30
CA ASP A 101 17.43 11.99 -4.83
C ASP A 101 18.44 11.03 -4.19
N MET A 102 17.93 9.92 -3.64
CA MET A 102 18.80 8.91 -3.04
C MET A 102 19.78 8.34 -4.05
N SER A 103 19.39 8.27 -5.32
CA SER A 103 20.28 7.75 -6.35
C SER A 103 21.55 8.59 -6.48
N GLU A 104 21.55 9.82 -5.94
CA GLU A 104 22.75 10.64 -5.93
C GLU A 104 23.76 10.22 -4.87
N LEU A 105 23.38 9.32 -3.96
CA LEU A 105 24.31 8.82 -2.95
C LEU A 105 25.26 7.81 -3.58
N SER A 106 26.53 7.84 -3.15
CA SER A 106 27.52 6.93 -3.70
C SER A 106 27.50 5.58 -2.98
N TYR A 107 27.53 5.59 -1.65
CA TYR A 107 27.34 4.38 -0.86
C TYR A 107 25.83 4.18 -0.74
N LEU A 108 25.26 3.41 -1.66
CA LEU A 108 23.80 3.23 -1.72
C LEU A 108 23.42 1.95 -0.99
N ASN A 109 23.11 2.09 0.30
CA ASN A 109 22.72 0.98 1.14
C ASN A 109 21.60 1.45 2.06
N GLU A 110 21.06 0.50 2.83
CA GLU A 110 19.83 0.80 3.59
C GLU A 110 20.04 1.83 4.65
N PRO A 111 20.97 1.70 5.60
CA PRO A 111 21.15 2.76 6.60
C PRO A 111 21.65 4.06 6.01
N ALA A 112 22.37 4.02 4.88
CA ALA A 112 22.78 5.26 4.24
C ALA A 112 21.58 5.98 3.65
N VAL A 113 20.62 5.23 3.10
CA VAL A 113 19.42 5.86 2.56
C VAL A 113 18.58 6.42 3.70
N PHE A 114 18.41 5.64 4.77
CA PHE A 114 17.67 6.18 5.91
C PHE A 114 18.38 7.40 6.46
N HIS A 115 19.71 7.37 6.52
CA HIS A 115 20.44 8.52 7.06
C HIS A 115 20.12 9.79 6.26
N ASN A 116 20.12 9.68 4.93
CA ASN A 116 19.82 10.86 4.11
C ASN A 116 18.44 11.39 4.43
N LEU A 117 17.50 10.49 4.70
CA LEU A 117 16.14 10.89 5.04
C LEU A 117 16.13 11.67 6.35
N ARG A 118 16.95 11.23 7.31
CA ARG A 118 17.03 11.91 8.60
C ARG A 118 17.64 13.30 8.46
N VAL A 119 18.69 13.44 7.66
CA VAL A 119 19.30 14.75 7.49
C VAL A 119 18.28 15.75 6.95
N ARG A 120 17.41 15.30 6.04
CA ARG A 120 16.43 16.18 5.43
C ARG A 120 15.25 16.41 6.38
N TYR A 121 14.86 15.38 7.14
CA TYR A 121 13.73 15.48 8.04
C TYR A 121 13.99 16.51 9.16
N ASN A 122 15.21 16.54 9.68
CA ASN A 122 15.55 17.47 10.74
C ASN A 122 15.64 18.91 10.27
N GLN A 123 15.72 19.15 8.95
CA GLN A 123 15.60 20.48 8.39
C GLN A 123 14.21 20.73 7.83
N ASP A 124 13.23 19.90 8.19
CA ASP A 124 11.84 20.03 7.76
C ASP A 124 11.66 19.81 6.26
N LEU A 125 12.59 19.12 5.62
CA LEU A 125 12.45 18.73 4.22
C LEU A 125 11.83 17.34 4.19
N ILE A 126 10.53 17.26 3.97
CA ILE A 126 9.80 16.00 4.15
C ILE A 126 9.68 15.21 2.86
N TYR A 127 10.07 15.78 1.73
CA TYR A 127 9.94 15.11 0.43
C TYR A 127 11.32 14.84 -0.14
N THR A 128 11.56 13.59 -0.53
CA THR A 128 12.83 13.17 -1.11
C THR A 128 12.56 12.12 -2.17
N TYR A 129 13.24 12.25 -3.31
CA TYR A 129 13.13 11.27 -4.36
C TYR A 129 14.01 10.06 -4.06
N SER A 130 13.55 8.89 -4.47
CA SER A 130 14.34 7.67 -4.49
C SER A 130 14.17 7.12 -5.91
N GLY A 131 14.94 7.64 -6.83
CA GLY A 131 14.71 7.31 -8.23
C GLY A 131 13.32 7.79 -8.64
N LEU A 132 12.47 6.85 -9.06
CA LEU A 132 11.13 7.21 -9.48
C LEU A 132 10.24 7.58 -8.29
N PHE A 133 10.48 6.98 -7.13
CA PHE A 133 9.62 7.22 -5.98
C PHE A 133 9.75 8.66 -5.50
N LEU A 134 8.63 9.22 -5.06
CA LEU A 134 8.63 10.39 -4.18
C LEU A 134 8.35 9.88 -2.77
N VAL A 135 9.30 10.03 -1.88
CA VAL A 135 9.13 9.62 -0.49
C VAL A 135 8.66 10.81 0.32
N ALA A 136 7.59 10.61 1.10
CA ALA A 136 7.01 11.66 1.93
C ALA A 136 6.93 11.17 3.35
N VAL A 137 7.62 11.85 4.27
CA VAL A 137 7.63 11.48 5.67
C VAL A 137 6.69 12.43 6.42
N ASN A 138 5.83 11.87 7.25
CA ASN A 138 4.89 12.68 8.02
C ASN A 138 5.63 13.51 9.05
N PRO A 139 5.57 14.87 8.96
CA PRO A 139 6.26 15.73 9.93
C PRO A 139 5.51 15.93 11.27
N PHE A 140 4.27 15.45 11.42
CA PHE A 140 3.49 15.62 12.65
C PHE A 140 3.53 17.07 13.13
N LYS A 141 3.61 18.00 12.19
CA LYS A 141 3.59 19.42 12.46
C LYS A 141 3.34 20.13 11.14
N ARG A 142 2.79 21.34 11.22
CA ARG A 142 2.47 22.09 10.01
C ARG A 142 3.74 22.75 9.46
N ILE A 143 4.05 22.45 8.21
CA ILE A 143 5.16 23.07 7.50
C ILE A 143 4.58 23.93 6.40
N PRO A 144 5.06 25.15 6.19
CA PRO A 144 4.38 26.07 5.24
C PRO A 144 4.86 25.90 3.80
N ILE A 145 4.59 24.72 3.23
CA ILE A 145 5.01 24.41 1.88
C ILE A 145 3.83 24.12 0.96
N TYR A 146 2.61 24.41 1.41
CA TYR A 146 1.43 24.17 0.60
C TYR A 146 0.61 25.44 0.40
N THR A 147 1.24 26.61 0.54
CA THR A 147 0.57 27.87 0.31
C THR A 147 0.38 28.11 -1.17
N GLN A 148 -0.40 29.14 -1.51
CA GLN A 148 -0.67 29.37 -2.91
C GLN A 148 0.57 29.86 -3.68
N GLU A 149 1.48 30.55 -3.01
CA GLU A 149 2.71 30.99 -3.65
C GLU A 149 3.49 29.75 -4.04
N MET A 150 3.51 28.78 -3.11
CA MET A 150 4.17 27.50 -3.34
C MET A 150 3.54 26.84 -4.56
N VAL A 151 2.21 26.79 -4.60
CA VAL A 151 1.52 26.20 -5.75
C VAL A 151 2.02 26.84 -7.03
N ASP A 152 2.13 28.17 -7.04
CA ASP A 152 2.58 28.87 -8.24
C ASP A 152 3.98 28.42 -8.63
N ILE A 153 4.86 28.15 -7.67
CA ILE A 153 6.22 27.74 -8.01
C ILE A 153 6.27 26.51 -8.89
N PHE A 154 5.39 25.55 -8.61
CA PHE A 154 5.44 24.27 -9.30
C PHE A 154 4.59 24.21 -10.55
N LYS A 155 3.74 25.21 -10.79
CA LYS A 155 2.92 25.22 -12.00
C LYS A 155 3.82 25.21 -13.23
N GLY A 156 3.80 24.12 -13.98
CA GLY A 156 4.53 24.03 -15.22
C GLY A 156 5.94 23.50 -15.12
N ARG A 157 6.41 23.12 -13.94
CA ARG A 157 7.79 22.75 -13.73
C ARG A 157 7.96 21.24 -13.75
N ARG A 158 9.09 20.79 -14.29
CA ARG A 158 9.43 19.38 -14.36
C ARG A 158 10.18 18.96 -13.10
N ARG A 159 10.33 17.65 -12.93
CA ARG A 159 10.91 17.08 -11.71
C ARG A 159 12.23 17.74 -11.36
N ASN A 160 13.10 17.92 -12.35
CA ASN A 160 14.47 18.36 -12.10
C ASN A 160 14.62 19.86 -12.07
N GLU A 161 13.55 20.62 -12.30
CA GLU A 161 13.63 22.07 -12.16
C GLU A 161 13.37 22.53 -10.73
N VAL A 162 12.68 21.73 -9.93
CA VAL A 162 12.27 22.12 -8.58
C VAL A 162 12.62 21.00 -7.61
N ALA A 163 12.52 21.31 -6.32
CA ALA A 163 12.82 20.37 -5.27
C ALA A 163 11.71 19.34 -5.13
N PRO A 164 11.99 18.21 -4.48
CA PRO A 164 10.94 17.20 -4.28
C PRO A 164 9.73 17.79 -3.57
N HIS A 165 8.54 17.43 -4.04
CA HIS A 165 7.29 17.94 -3.51
C HIS A 165 6.15 17.14 -4.13
N ILE A 166 5.12 16.84 -3.32
CA ILE A 166 3.95 16.17 -3.87
C ILE A 166 3.35 16.99 -5.01
N PHE A 167 3.45 18.32 -4.92
CA PHE A 167 2.95 19.17 -6.00
C PHE A 167 3.64 18.86 -7.32
N ALA A 168 4.95 18.54 -7.26
CA ALA A 168 5.70 18.27 -8.48
C ALA A 168 5.22 16.99 -9.15
N ILE A 169 4.87 15.98 -8.35
CA ILE A 169 4.31 14.76 -8.92
C ILE A 169 2.96 15.04 -9.56
N SER A 170 2.12 15.80 -8.86
CA SER A 170 0.81 16.14 -9.39
C SER A 170 0.94 16.94 -10.69
N ASP A 171 1.83 17.93 -10.70
CA ASP A 171 1.95 18.77 -11.89
C ASP A 171 2.53 18.01 -13.08
N VAL A 172 3.56 17.20 -12.84
CA VAL A 172 4.10 16.37 -13.94
C VAL A 172 3.00 15.47 -14.50
N ALA A 173 2.21 14.84 -13.62
CA ALA A 173 1.14 13.97 -14.08
C ALA A 173 0.09 14.75 -14.86
N TYR A 174 -0.22 15.97 -14.44
CA TYR A 174 -1.24 16.76 -15.13
C TYR A 174 -0.75 17.19 -16.51
N ARG A 175 0.51 17.65 -16.59
CA ARG A 175 1.04 18.08 -17.88
C ARG A 175 1.12 16.92 -18.86
N SER A 176 1.58 15.75 -18.41
CA SER A 176 1.69 14.60 -19.29
C SER A 176 0.32 14.12 -19.75
N MET A 177 -0.70 14.27 -18.89
CA MET A 177 -2.05 13.88 -19.28
C MET A 177 -2.53 14.67 -20.48
N LEU A 178 -2.28 15.98 -20.49
CA LEU A 178 -2.72 16.81 -21.62
C LEU A 178 -1.77 16.71 -22.80
N ASP A 179 -0.46 16.58 -22.53
CA ASP A 179 0.53 16.59 -23.59
C ASP A 179 0.56 15.27 -24.36
N ASP A 180 0.35 14.15 -23.68
CA ASP A 180 0.36 12.84 -24.32
C ASP A 180 -1.05 12.31 -24.59
N ARG A 181 -2.08 13.01 -24.13
CA ARG A 181 -3.45 12.54 -24.24
C ARG A 181 -3.55 11.11 -23.72
N GLN A 182 -3.13 10.95 -22.47
CA GLN A 182 -3.01 9.65 -21.84
C GLN A 182 -3.38 9.74 -20.37
N ASN A 183 -4.15 8.77 -19.90
CA ASN A 183 -4.50 8.68 -18.49
C ASN A 183 -3.25 8.43 -17.66
N GLN A 184 -3.29 8.88 -16.41
CA GLN A 184 -2.17 8.76 -15.49
C GLN A 184 -2.59 8.01 -14.24
N SER A 185 -1.64 7.30 -13.65
CA SER A 185 -1.86 6.59 -12.39
C SER A 185 -0.85 7.08 -11.36
N LEU A 186 -1.30 7.13 -10.11
CA LEU A 186 -0.48 7.56 -8.99
C LEU A 186 -0.60 6.48 -7.92
N LEU A 187 0.37 5.56 -7.87
CA LEU A 187 0.39 4.51 -6.88
C LEU A 187 0.99 5.08 -5.60
N ILE A 188 0.23 5.03 -4.51
CA ILE A 188 0.65 5.63 -3.25
C ILE A 188 0.48 4.61 -2.13
N THR A 189 1.50 4.49 -1.29
CA THR A 189 1.47 3.57 -0.17
C THR A 189 1.53 4.33 1.15
N GLY A 190 1.17 3.64 2.23
CA GLY A 190 1.21 4.23 3.55
C GLY A 190 0.01 3.87 4.39
N GLU A 191 0.26 3.42 5.62
CA GLU A 191 -0.80 3.09 6.55
C GLU A 191 -1.23 4.35 7.32
N SER A 192 -2.30 4.21 8.10
CA SER A 192 -2.80 5.33 8.88
C SER A 192 -1.69 5.90 9.74
N GLY A 193 -1.47 7.21 9.63
CA GLY A 193 -0.43 7.89 10.35
C GLY A 193 0.78 8.24 9.54
N ALA A 194 0.89 7.73 8.31
CA ALA A 194 2.01 8.04 7.44
C ALA A 194 1.80 9.30 6.61
N GLY A 195 0.60 9.89 6.67
CA GLY A 195 0.31 11.05 5.85
C GLY A 195 -0.15 10.72 4.45
N LYS A 196 -0.60 9.49 4.21
CA LYS A 196 -1.08 9.14 2.87
C LYS A 196 -2.40 9.84 2.57
N THR A 197 -3.34 9.82 3.51
CA THR A 197 -4.59 10.54 3.31
C THR A 197 -4.33 12.02 3.07
N GLU A 198 -3.38 12.60 3.82
CA GLU A 198 -3.08 14.02 3.65
C GLU A 198 -2.53 14.30 2.26
N ASN A 199 -1.57 13.48 1.81
CA ASN A 199 -0.93 13.72 0.53
C ASN A 199 -1.90 13.47 -0.62
N THR A 200 -2.82 12.51 -0.47
CA THR A 200 -3.85 12.33 -1.48
C THR A 200 -4.75 13.55 -1.57
N LYS A 201 -5.09 14.13 -0.42
CA LYS A 201 -5.87 15.37 -0.41
C LYS A 201 -5.08 16.50 -1.04
N LYS A 202 -3.76 16.56 -0.80
CA LYS A 202 -2.95 17.59 -1.42
C LYS A 202 -2.92 17.42 -2.94
N VAL A 203 -2.80 16.18 -3.42
CA VAL A 203 -2.87 15.93 -4.86
C VAL A 203 -4.18 16.47 -5.42
N ILE A 204 -5.30 16.14 -4.76
CA ILE A 204 -6.62 16.54 -5.28
C ILE A 204 -6.73 18.06 -5.34
N GLN A 205 -6.34 18.74 -4.27
CA GLN A 205 -6.47 20.20 -4.21
C GLN A 205 -5.51 20.89 -5.16
N TYR A 206 -4.35 20.30 -5.42
CA TYR A 206 -3.45 20.91 -6.38
C TYR A 206 -4.00 20.79 -7.80
N LEU A 207 -4.46 19.60 -8.17
CA LEU A 207 -5.10 19.43 -9.47
C LEU A 207 -6.25 20.42 -9.62
N ALA A 208 -7.16 20.44 -8.65
CA ALA A 208 -8.28 21.37 -8.68
C ALA A 208 -7.82 22.82 -8.83
N SER A 209 -6.66 23.16 -8.26
CA SER A 209 -6.19 24.53 -8.32
C SER A 209 -5.73 24.90 -9.72
N VAL A 210 -5.00 24.02 -10.39
CA VAL A 210 -4.49 24.34 -11.71
C VAL A 210 -5.42 23.89 -12.83
N ALA A 211 -6.27 22.90 -12.58
CA ALA A 211 -7.15 22.39 -13.64
C ALA A 211 -8.22 23.39 -14.01
N GLY A 212 -8.64 24.24 -13.07
CA GLY A 212 -9.63 25.26 -13.36
C GLY A 212 -8.99 26.59 -13.73
N ARG A 213 -9.85 27.57 -13.99
CA ARG A 213 -9.38 28.93 -14.18
C ARG A 213 -8.82 29.47 -12.87
N ASN A 214 -7.88 30.40 -12.95
CA ASN A 214 -7.16 30.81 -11.74
C ASN A 214 -8.09 31.46 -10.72
N GLN A 215 -9.22 32.01 -11.15
CA GLN A 215 -10.16 32.64 -10.23
C GLN A 215 -11.51 31.94 -10.16
N ALA A 216 -12.05 31.47 -11.28
CA ALA A 216 -13.45 31.08 -11.35
C ALA A 216 -13.65 29.58 -11.46
N ASN A 217 -12.72 28.76 -10.98
CA ASN A 217 -12.94 27.33 -11.01
C ASN A 217 -14.13 27.00 -10.12
N GLY A 218 -14.97 26.08 -10.57
CA GLY A 218 -16.19 25.78 -9.87
C GLY A 218 -16.30 24.34 -9.40
N SER A 219 -15.17 23.72 -9.05
CA SER A 219 -15.17 22.34 -8.57
C SER A 219 -15.09 22.26 -7.06
N GLY A 220 -15.69 23.23 -6.36
CA GLY A 220 -15.57 23.26 -4.91
C GLY A 220 -16.38 22.19 -4.21
N VAL A 221 -17.60 21.94 -4.69
CA VAL A 221 -18.45 20.94 -4.07
C VAL A 221 -17.86 19.55 -4.28
N LEU A 222 -17.41 19.25 -5.50
CA LEU A 222 -16.83 17.95 -5.79
C LEU A 222 -15.60 17.69 -4.92
N GLU A 223 -14.76 18.72 -4.73
CA GLU A 223 -13.60 18.55 -3.86
C GLU A 223 -14.03 18.22 -2.44
N GLN A 224 -15.13 18.81 -1.98
CA GLN A 224 -15.63 18.50 -0.64
C GLN A 224 -16.14 17.07 -0.57
N GLN A 225 -16.82 16.60 -1.61
CA GLN A 225 -17.47 15.30 -1.55
C GLN A 225 -16.46 14.17 -1.72
N ILE A 226 -15.46 14.35 -2.58
CA ILE A 226 -14.39 13.36 -2.69
C ILE A 226 -13.76 13.13 -1.33
N LEU A 227 -13.40 14.21 -0.63
CA LEU A 227 -12.70 14.08 0.64
C LEU A 227 -13.62 13.56 1.73
N GLN A 228 -14.89 13.96 1.72
CA GLN A 228 -15.85 13.46 2.69
C GLN A 228 -16.28 12.02 2.40
N ALA A 229 -15.92 11.48 1.23
CA ALA A 229 -16.15 10.06 0.97
C ALA A 229 -15.25 9.18 1.82
N ASN A 230 -14.13 9.71 2.31
CA ASN A 230 -13.12 8.91 2.98
C ASN A 230 -13.55 8.49 4.39
N PRO A 231 -14.07 9.41 5.21
CA PRO A 231 -14.59 8.96 6.51
C PRO A 231 -15.62 7.85 6.40
N ILE A 232 -16.37 7.80 5.30
CA ILE A 232 -17.43 6.79 5.17
C ILE A 232 -16.83 5.42 4.92
N LEU A 233 -15.94 5.30 3.93
CA LEU A 233 -15.35 4.01 3.63
C LEU A 233 -14.34 3.59 4.68
N GLU A 234 -13.79 4.56 5.42
CA GLU A 234 -12.94 4.21 6.55
C GLU A 234 -13.73 3.52 7.64
N ALA A 235 -14.95 3.99 7.90
CA ALA A 235 -15.76 3.40 8.95
C ALA A 235 -16.14 1.96 8.61
N PHE A 236 -16.54 1.72 7.36
CA PHE A 236 -16.98 0.40 6.93
C PHE A 236 -15.86 -0.51 6.45
N GLY A 237 -14.68 0.04 6.16
CA GLY A 237 -13.63 -0.77 5.56
C GLY A 237 -12.30 -0.81 6.30
N ASN A 238 -12.19 -0.09 7.40
CA ASN A 238 -10.97 -0.06 8.19
C ASN A 238 -11.21 -0.69 9.55
N ALA A 239 -10.16 -1.27 10.12
CA ALA A 239 -10.25 -1.92 11.42
C ALA A 239 -8.89 -1.88 12.11
N LYS A 240 -8.92 -2.21 13.41
CA LYS A 240 -7.73 -2.29 14.23
C LYS A 240 -7.12 -3.68 14.09
N THR A 241 -5.92 -3.75 13.55
CA THR A 241 -5.13 -4.97 13.51
C THR A 241 -4.07 -4.90 14.58
N THR A 242 -3.28 -5.96 14.71
CA THR A 242 -2.17 -5.93 15.65
C THR A 242 -1.11 -4.91 15.23
N ARG A 243 -1.07 -4.55 13.95
CA ARG A 243 -0.07 -3.61 13.45
C ARG A 243 -0.54 -2.17 13.46
N ASN A 244 -1.83 -1.93 13.26
CA ASN A 244 -2.33 -0.56 13.10
C ASN A 244 -3.73 -0.45 13.67
N ASN A 245 -4.03 0.74 14.20
CA ASN A 245 -5.35 1.01 14.75
C ASN A 245 -6.40 1.26 13.66
N ASN A 246 -5.96 1.80 12.50
CA ASN A 246 -6.84 2.14 11.38
C ASN A 246 -6.25 1.54 10.11
N SER A 247 -6.56 0.27 9.86
CA SER A 247 -5.99 -0.47 8.75
C SER A 247 -7.02 -0.69 7.67
N SER A 248 -6.65 -0.37 6.44
CA SER A 248 -7.52 -0.54 5.28
C SER A 248 -7.55 -2.01 4.91
N ARG A 249 -8.72 -2.64 5.08
CA ARG A 249 -8.93 -4.04 4.73
C ARG A 249 -9.48 -4.19 3.32
N PHE A 250 -9.42 -3.12 2.53
CA PHE A 250 -9.82 -3.17 1.13
C PHE A 250 -8.90 -2.24 0.34
N GLY A 251 -8.87 -2.46 -0.97
CA GLY A 251 -8.09 -1.59 -1.84
C GLY A 251 -9.00 -0.75 -2.72
N LYS A 252 -8.49 0.35 -3.27
CA LYS A 252 -9.34 1.24 -4.05
C LYS A 252 -8.53 2.03 -5.06
N PHE A 253 -9.23 2.47 -6.11
CA PHE A 253 -8.67 3.27 -7.18
C PHE A 253 -9.54 4.51 -7.31
N ILE A 254 -8.97 5.67 -7.04
CA ILE A 254 -9.71 6.94 -7.10
C ILE A 254 -9.31 7.66 -8.37
N GLU A 255 -10.29 8.01 -9.20
CA GLU A 255 -10.05 8.68 -10.46
C GLU A 255 -10.42 10.16 -10.33
N ILE A 256 -9.45 11.02 -10.61
CA ILE A 256 -9.71 12.44 -10.84
C ILE A 256 -9.94 12.59 -12.34
N GLN A 257 -11.18 12.84 -12.73
CA GLN A 257 -11.56 12.85 -14.14
C GLN A 257 -11.48 14.25 -14.71
N PHE A 258 -11.10 14.33 -16.00
CA PHE A 258 -10.96 15.60 -16.69
C PHE A 258 -11.65 15.53 -18.05
N ASN A 259 -12.20 16.66 -18.47
CA ASN A 259 -12.67 16.81 -19.84
C ASN A 259 -11.46 17.02 -20.76
N SER A 260 -11.71 17.11 -22.06
CA SER A 260 -10.60 17.17 -23.01
C SER A 260 -9.77 18.44 -22.87
N ALA A 261 -10.33 19.50 -22.28
CA ALA A 261 -9.63 20.76 -22.13
C ALA A 261 -8.82 20.84 -20.83
N GLY A 262 -8.87 19.82 -19.99
CA GLY A 262 -8.06 19.79 -18.79
C GLY A 262 -8.74 20.33 -17.55
N PHE A 263 -10.04 20.62 -17.61
CA PHE A 263 -10.80 21.02 -16.45
C PHE A 263 -11.27 19.79 -15.69
N ILE A 264 -11.25 19.86 -14.36
CA ILE A 264 -11.77 18.77 -13.56
C ILE A 264 -13.25 18.59 -13.87
N SER A 265 -13.63 17.36 -14.24
CA SER A 265 -15.00 17.06 -14.64
C SER A 265 -15.74 16.16 -13.68
N GLY A 266 -15.04 15.45 -12.81
CA GLY A 266 -15.69 14.55 -11.88
C GLY A 266 -14.66 13.68 -11.18
N ALA A 267 -15.18 12.64 -10.52
CA ALA A 267 -14.34 11.71 -9.79
C ALA A 267 -15.07 10.38 -9.67
N SER A 268 -14.30 9.32 -9.44
CA SER A 268 -14.85 7.98 -9.34
C SER A 268 -14.04 7.20 -8.32
N ILE A 269 -14.69 6.21 -7.70
CA ILE A 269 -14.03 5.32 -6.75
C ILE A 269 -14.32 3.88 -7.16
N GLN A 270 -13.26 3.12 -7.39
CA GLN A 270 -13.36 1.69 -7.65
C GLN A 270 -12.77 0.97 -6.46
N SER A 271 -13.54 0.04 -5.90
CA SER A 271 -13.11 -0.72 -4.73
C SER A 271 -12.84 -2.17 -5.10
N TYR A 272 -11.89 -2.77 -4.40
CA TYR A 272 -11.49 -4.15 -4.60
C TYR A 272 -11.92 -4.98 -3.38
N LEU A 273 -11.61 -6.27 -3.42
CA LEU A 273 -12.22 -7.19 -2.46
C LEU A 273 -11.98 -6.73 -1.02
N LEU A 274 -12.96 -7.00 -0.18
CA LEU A 274 -12.93 -6.61 1.23
C LEU A 274 -12.73 -7.84 2.10
N GLU A 275 -12.11 -7.64 3.26
CA GLU A 275 -11.85 -8.72 4.21
C GLU A 275 -13.11 -8.97 5.05
N LYS A 276 -14.10 -9.58 4.38
CA LYS A 276 -15.40 -9.86 4.99
C LYS A 276 -15.32 -10.93 6.05
N SER A 277 -14.31 -11.79 6.00
CA SER A 277 -14.09 -12.76 7.07
C SER A 277 -13.81 -12.05 8.39
N ARG A 278 -13.44 -10.77 8.35
CA ARG A 278 -13.23 -10.03 9.58
C ARG A 278 -14.54 -9.72 10.29
N VAL A 279 -15.65 -9.66 9.54
CA VAL A 279 -16.93 -9.35 10.16
C VAL A 279 -17.29 -10.41 11.18
N VAL A 280 -17.07 -11.69 10.84
CA VAL A 280 -17.47 -12.78 11.71
C VAL A 280 -16.34 -13.20 12.65
N PHE A 281 -15.08 -12.93 12.29
CA PHE A 281 -13.97 -13.37 13.13
C PHE A 281 -12.88 -12.33 13.21
N GLN A 282 -12.37 -12.13 14.43
CA GLN A 282 -11.26 -11.24 14.71
C GLN A 282 -10.26 -11.97 15.60
N SER A 283 -8.97 -11.78 15.33
CA SER A 283 -7.92 -12.42 16.14
C SER A 283 -7.76 -11.67 17.46
N GLU A 284 -7.00 -12.28 18.38
CA GLU A 284 -6.87 -11.73 19.72
C GLU A 284 -6.29 -10.33 19.67
N THR A 285 -6.94 -9.41 20.39
CA THR A 285 -6.60 -8.00 20.54
C THR A 285 -6.98 -7.20 19.31
N GLU A 286 -7.64 -7.80 18.32
CA GLU A 286 -8.07 -7.08 17.12
C GLU A 286 -9.53 -6.69 17.24
N ARG A 287 -9.99 -5.87 16.29
CA ARG A 287 -11.36 -5.41 16.30
C ARG A 287 -12.06 -5.75 14.99
N ASN A 288 -13.41 -5.74 15.04
CA ASN A 288 -14.21 -5.74 13.84
C ASN A 288 -14.15 -4.35 13.22
N TYR A 289 -14.81 -4.18 12.08
CA TYR A 289 -14.78 -2.92 11.36
C TYR A 289 -15.32 -1.80 12.25
N HIS A 290 -14.73 -0.61 12.08
CA HIS A 290 -15.05 0.49 12.99
C HIS A 290 -16.56 0.67 13.15
N ILE A 291 -17.32 0.46 12.07
CA ILE A 291 -18.68 0.96 12.03
C ILE A 291 -19.54 0.33 13.13
N PHE A 292 -19.27 -0.92 13.49
CA PHE A 292 -20.01 -1.60 14.55
C PHE A 292 -19.83 -0.89 15.89
N TYR A 293 -18.59 -0.51 16.22
CA TYR A 293 -18.34 0.16 17.49
C TYR A 293 -18.81 1.61 17.46
N GLN A 294 -18.76 2.25 16.30
CA GLN A 294 -19.30 3.60 16.18
C GLN A 294 -20.81 3.60 16.44
N LEU A 295 -21.54 2.69 15.78
CA LEU A 295 -22.99 2.65 15.93
C LEU A 295 -23.38 2.33 17.37
N LEU A 296 -22.81 1.27 17.93
CA LEU A 296 -23.18 0.87 19.28
C LEU A 296 -22.82 1.94 20.30
N ALA A 297 -21.78 2.72 20.03
CA ALA A 297 -21.38 3.75 20.97
C ALA A 297 -22.02 5.11 20.69
N GLY A 298 -22.35 5.39 19.44
CA GLY A 298 -22.79 6.73 19.07
C GLY A 298 -24.27 6.91 18.86
N ALA A 299 -25.03 5.82 18.82
CA ALA A 299 -26.45 5.91 18.53
C ALA A 299 -27.20 6.52 19.70
N THR A 300 -28.34 7.14 19.39
CA THR A 300 -29.20 7.72 20.41
C THR A 300 -30.00 6.63 21.10
N ALA A 301 -30.57 6.97 22.26
CA ALA A 301 -31.33 5.99 23.02
C ALA A 301 -32.47 5.43 22.19
N GLU A 302 -33.19 6.29 21.48
CA GLU A 302 -34.31 5.81 20.68
C GLU A 302 -33.82 5.03 19.47
N GLU A 303 -32.63 5.34 18.97
CA GLU A 303 -32.04 4.51 17.93
C GLU A 303 -31.71 3.12 18.44
N LYS A 304 -31.17 3.01 19.66
CA LYS A 304 -30.70 1.72 20.16
C LYS A 304 -31.87 0.75 20.38
N LYS A 305 -32.92 1.24 21.06
CA LYS A 305 -34.14 0.47 21.30
C LYS A 305 -34.80 0.03 20.01
N ALA A 306 -34.89 0.96 19.07
CA ALA A 306 -35.45 0.68 17.76
C ALA A 306 -34.71 -0.45 17.07
N LEU A 307 -33.39 -0.48 17.20
CA LEU A 307 -32.55 -1.53 16.64
C LEU A 307 -32.20 -2.61 17.66
N HIS A 308 -32.64 -2.49 18.90
CA HIS A 308 -32.39 -3.53 19.90
C HIS A 308 -30.89 -3.71 20.14
N LEU A 309 -30.20 -2.60 20.35
CA LEU A 309 -28.75 -2.64 20.51
C LEU A 309 -28.35 -2.74 21.98
N ALA A 310 -27.14 -3.25 22.19
CA ALA A 310 -26.51 -3.32 23.50
C ALA A 310 -25.03 -2.99 23.30
N GLY A 311 -24.24 -3.17 24.35
CA GLY A 311 -22.81 -2.94 24.25
C GLY A 311 -22.13 -3.95 23.35
N PRO A 312 -20.91 -3.63 22.90
CA PRO A 312 -20.18 -4.61 22.06
C PRO A 312 -19.98 -5.94 22.76
N GLU A 313 -19.92 -5.94 24.09
CA GLU A 313 -19.71 -7.19 24.83
C GLU A 313 -20.79 -8.22 24.53
N SER A 314 -21.98 -7.77 24.15
CA SER A 314 -23.14 -8.65 24.04
C SER A 314 -23.34 -9.22 22.64
N PHE A 315 -22.37 -9.06 21.75
CA PHE A 315 -22.48 -9.59 20.40
C PHE A 315 -21.26 -10.44 20.10
N ASN A 316 -21.49 -11.70 19.72
CA ASN A 316 -20.38 -12.60 19.46
C ASN A 316 -19.44 -12.06 18.40
N TYR A 317 -19.98 -11.31 17.43
CA TYR A 317 -19.16 -10.73 16.37
C TYR A 317 -18.30 -9.58 16.86
N LEU A 318 -18.38 -9.20 18.14
CA LEU A 318 -17.58 -8.11 18.67
C LEU A 318 -16.91 -8.40 20.01
N ASN A 319 -17.04 -9.61 20.55
CA ASN A 319 -16.61 -9.90 21.91
C ASN A 319 -15.64 -11.05 22.03
N GLN A 320 -15.22 -11.65 20.92
CA GLN A 320 -14.33 -12.80 20.93
C GLN A 320 -12.86 -12.41 20.96
N SER A 321 -12.55 -11.12 20.99
CA SER A 321 -11.17 -10.68 20.84
C SER A 321 -10.59 -10.03 22.08
N GLY A 322 -11.41 -9.57 23.01
CA GLY A 322 -10.91 -8.84 24.15
C GLY A 322 -10.64 -7.38 23.89
N CYS A 323 -11.03 -6.87 22.73
CA CYS A 323 -10.78 -5.49 22.36
C CYS A 323 -12.06 -4.90 21.79
N VAL A 324 -12.55 -3.83 22.42
CA VAL A 324 -13.73 -3.15 21.90
C VAL A 324 -13.52 -1.65 21.85
N ASP A 325 -12.31 -1.18 22.13
CA ASP A 325 -12.06 0.26 22.11
C ASP A 325 -10.61 0.49 21.74
N ILE A 326 -10.33 1.68 21.20
CA ILE A 326 -9.00 2.03 20.75
C ILE A 326 -8.49 3.19 21.59
N LYS A 327 -7.25 3.10 22.06
CA LYS A 327 -6.70 4.16 22.89
C LYS A 327 -6.87 5.47 22.16
N GLY A 328 -7.38 6.46 22.87
CA GLY A 328 -7.46 7.81 22.36
C GLY A 328 -8.40 7.98 21.19
N VAL A 329 -9.27 7.01 20.95
CA VAL A 329 -10.25 7.09 19.88
C VAL A 329 -11.63 6.94 20.52
N SER A 330 -12.45 7.98 20.37
CA SER A 330 -13.83 7.94 20.86
C SER A 330 -14.73 7.48 19.73
N ASP A 331 -15.39 6.33 19.91
CA ASP A 331 -16.17 5.76 18.83
C ASP A 331 -17.48 6.50 18.60
N SER A 332 -18.03 7.13 19.65
CA SER A 332 -19.24 7.93 19.47
C SER A 332 -18.95 9.20 18.69
N GLU A 333 -17.87 9.89 19.06
CA GLU A 333 -17.45 11.06 18.28
C GLU A 333 -17.16 10.69 16.84
N GLU A 334 -16.56 9.52 16.62
CA GLU A 334 -16.30 9.07 15.26
C GLU A 334 -17.60 8.77 14.52
N PHE A 335 -18.64 8.35 15.23
CA PHE A 335 -19.92 8.09 14.57
C PHE A 335 -20.54 9.38 14.05
N LYS A 336 -20.46 10.46 14.83
CA LYS A 336 -20.99 11.73 14.37
C LYS A 336 -20.24 12.24 13.14
N ILE A 337 -18.94 11.98 13.06
CA ILE A 337 -18.18 12.41 11.89
C ILE A 337 -18.58 11.61 10.67
N THR A 338 -18.86 10.31 10.84
CA THR A 338 -19.22 9.48 9.71
C THR A 338 -20.62 9.81 9.20
N ARG A 339 -21.53 10.10 10.14
CA ARG A 339 -22.90 10.48 9.82
C ARG A 339 -22.85 11.78 9.03
N GLN A 340 -22.15 12.77 9.58
CA GLN A 340 -21.98 14.05 8.90
C GLN A 340 -21.42 13.83 7.51
N ALA A 341 -20.46 12.91 7.36
CA ALA A 341 -19.92 12.60 6.04
C ALA A 341 -20.99 12.07 5.12
N MET A 342 -21.88 11.22 5.63
CA MET A 342 -22.92 10.64 4.79
C MET A 342 -23.93 11.71 4.38
N ASP A 343 -24.23 12.66 5.27
CA ASP A 343 -25.08 13.78 4.89
C ASP A 343 -24.50 14.53 3.69
N ILE A 344 -23.17 14.62 3.63
CA ILE A 344 -22.53 15.50 2.66
C ILE A 344 -22.49 14.87 1.28
N VAL A 345 -22.23 13.55 1.22
CA VAL A 345 -22.08 12.89 -0.07
C VAL A 345 -23.41 12.42 -0.64
N GLY A 346 -24.52 12.68 0.06
CA GLY A 346 -25.85 12.52 -0.52
C GLY A 346 -26.73 11.47 0.10
N PHE A 347 -26.22 10.65 1.00
CA PHE A 347 -27.07 9.65 1.64
C PHE A 347 -28.20 10.34 2.40
N SER A 348 -29.43 9.94 2.09
CA SER A 348 -30.60 10.51 2.73
C SER A 348 -30.79 9.90 4.11
N GLN A 349 -31.61 10.56 4.93
CA GLN A 349 -31.87 10.06 6.28
C GLN A 349 -32.48 8.66 6.21
N GLU A 350 -33.37 8.42 5.25
CA GLU A 350 -33.93 7.10 5.08
C GLU A 350 -32.86 6.08 4.73
N GLU A 351 -31.92 6.46 3.86
CA GLU A 351 -30.86 5.52 3.47
C GLU A 351 -29.90 5.28 4.63
N GLN A 352 -29.56 6.33 5.38
CA GLN A 352 -28.67 6.15 6.53
C GLN A 352 -29.28 5.21 7.57
N MET A 353 -30.59 5.31 7.80
CA MET A 353 -31.22 4.51 8.84
C MET A 353 -31.33 3.05 8.44
N SER A 354 -31.58 2.80 7.14
CA SER A 354 -31.50 1.46 6.57
C SER A 354 -30.07 0.93 6.60
N ILE A 355 -29.09 1.81 6.42
CA ILE A 355 -27.71 1.36 6.44
C ILE A 355 -27.38 0.74 7.80
N PHE A 356 -27.77 1.43 8.89
CA PHE A 356 -27.49 0.94 10.24
C PHE A 356 -28.43 -0.18 10.65
N LYS A 357 -29.63 -0.25 10.07
CA LYS A 357 -30.46 -1.42 10.26
C LYS A 357 -29.73 -2.67 9.80
N ILE A 358 -28.99 -2.54 8.69
CA ILE A 358 -28.21 -3.67 8.19
C ILE A 358 -27.04 -3.98 9.12
N ILE A 359 -26.33 -2.94 9.59
CA ILE A 359 -25.25 -3.17 10.52
C ILE A 359 -25.78 -3.79 11.80
N ALA A 360 -26.90 -3.25 12.31
CA ALA A 360 -27.53 -3.82 13.49
C ALA A 360 -28.01 -5.25 13.20
N GLY A 361 -28.55 -5.48 12.01
CA GLY A 361 -29.02 -6.82 11.67
C GLY A 361 -27.90 -7.83 11.63
N ILE A 362 -26.75 -7.44 11.06
CA ILE A 362 -25.62 -8.36 10.98
C ILE A 362 -25.24 -8.84 12.38
N LEU A 363 -25.13 -7.93 13.34
CA LEU A 363 -24.78 -8.32 14.70
C LEU A 363 -25.82 -9.28 15.27
N HIS A 364 -27.09 -8.96 15.08
CA HIS A 364 -28.14 -9.85 15.58
C HIS A 364 -28.02 -11.23 14.97
N LEU A 365 -27.76 -11.30 13.65
CA LEU A 365 -27.55 -12.59 13.01
C LEU A 365 -26.47 -13.39 13.72
N GLY A 366 -25.40 -12.72 14.15
CA GLY A 366 -24.27 -13.38 14.77
C GLY A 366 -24.53 -13.84 16.19
N ASN A 367 -25.58 -13.34 16.84
CA ASN A 367 -25.94 -13.80 18.17
C ASN A 367 -26.86 -15.03 18.15
N ILE A 368 -27.32 -15.46 16.98
CA ILE A 368 -28.13 -16.67 16.87
C ILE A 368 -27.27 -17.85 17.30
N LYS A 369 -27.78 -18.64 18.24
CA LYS A 369 -27.11 -19.85 18.70
C LYS A 369 -27.84 -21.04 18.08
N PHE A 370 -27.20 -21.68 17.10
CA PHE A 370 -27.71 -22.95 16.57
C PHE A 370 -27.31 -24.05 17.53
N GLU A 371 -28.29 -24.77 18.07
CA GLU A 371 -28.03 -25.81 19.06
C GLU A 371 -28.22 -27.19 18.46
N LYS A 372 -27.46 -28.15 18.98
CA LYS A 372 -27.54 -29.54 18.53
C LYS A 372 -28.86 -30.14 18.98
N GLY A 373 -29.73 -30.48 18.03
CA GLY A 373 -30.95 -31.19 18.37
C GLY A 373 -30.73 -32.68 18.46
N ALA A 374 -31.76 -33.39 18.93
CA ALA A 374 -31.70 -34.84 19.01
C ALA A 374 -31.80 -35.39 17.58
N GLY A 375 -30.72 -35.26 16.84
CA GLY A 375 -30.73 -35.70 15.46
C GLY A 375 -29.65 -35.02 14.64
N GLU A 376 -29.64 -35.35 13.35
CA GLU A 376 -28.64 -34.76 12.46
C GLU A 376 -28.82 -33.26 12.33
N GLY A 377 -30.06 -32.81 12.08
CA GLY A 377 -30.30 -31.39 11.91
C GLY A 377 -30.16 -30.59 13.19
N ALA A 378 -30.01 -29.28 13.03
CA ALA A 378 -29.88 -28.36 14.15
C ALA A 378 -31.21 -27.68 14.43
N VAL A 379 -31.33 -27.12 15.63
CA VAL A 379 -32.56 -26.46 16.07
C VAL A 379 -32.21 -25.11 16.68
N LEU A 380 -33.24 -24.28 16.84
CA LEU A 380 -33.11 -22.96 17.47
C LEU A 380 -34.10 -22.90 18.63
N LYS A 381 -33.57 -23.14 19.84
CA LYS A 381 -34.36 -22.99 21.05
C LYS A 381 -34.81 -21.55 21.25
N ASP A 382 -33.83 -20.63 21.34
CA ASP A 382 -34.13 -19.23 21.56
C ASP A 382 -34.24 -18.54 20.21
N LYS A 383 -35.30 -17.75 20.01
CA LYS A 383 -35.46 -17.07 18.72
C LYS A 383 -35.38 -15.55 18.84
N THR A 384 -34.85 -15.07 19.96
CA THR A 384 -34.74 -13.63 20.20
C THR A 384 -33.88 -12.93 19.15
N ALA A 385 -32.67 -13.44 18.91
CA ALA A 385 -31.79 -12.83 17.93
C ALA A 385 -32.38 -12.91 16.52
N LEU A 386 -32.97 -14.05 16.16
CA LEU A 386 -33.56 -14.19 14.83
C LEU A 386 -34.66 -13.16 14.59
N ASN A 387 -35.51 -12.92 15.59
CA ASN A 387 -36.59 -11.97 15.42
C ASN A 387 -36.07 -10.54 15.41
N ALA A 388 -35.06 -10.25 16.23
CA ALA A 388 -34.45 -8.92 16.22
C ALA A 388 -33.83 -8.62 14.86
N ALA A 389 -33.23 -9.64 14.22
CA ALA A 389 -32.62 -9.44 12.92
C ALA A 389 -33.68 -9.29 11.83
N SER A 390 -34.70 -10.15 11.87
CA SER A 390 -35.78 -10.08 10.89
C SER A 390 -36.50 -8.74 10.96
N THR A 391 -36.66 -8.20 12.17
CA THR A 391 -37.28 -6.90 12.31
C THR A 391 -36.49 -5.83 11.59
N VAL A 392 -35.21 -5.68 11.95
CA VAL A 392 -34.42 -4.60 11.39
C VAL A 392 -34.15 -4.83 9.90
N PHE A 393 -34.13 -6.09 9.46
CA PHE A 393 -33.92 -6.37 8.05
C PHE A 393 -35.19 -6.24 7.23
N GLY A 394 -36.36 -6.40 7.87
CA GLY A 394 -37.62 -6.38 7.16
C GLY A 394 -37.91 -7.67 6.43
N VAL A 395 -37.74 -8.81 7.11
CA VAL A 395 -38.00 -10.13 6.54
C VAL A 395 -38.83 -10.92 7.55
N ASN A 396 -39.40 -12.02 7.07
CA ASN A 396 -40.22 -12.86 7.94
C ASN A 396 -39.34 -13.79 8.75
N PRO A 397 -39.43 -13.79 10.08
CA PRO A 397 -38.55 -14.68 10.86
C PRO A 397 -38.65 -16.13 10.43
N SER A 398 -39.85 -16.63 10.14
CA SER A 398 -39.98 -18.05 9.79
C SER A 398 -39.28 -18.33 8.47
N VAL A 399 -39.45 -17.45 7.49
CA VAL A 399 -38.78 -17.67 6.20
C VAL A 399 -37.27 -17.69 6.40
N LEU A 400 -36.73 -16.72 7.16
CA LEU A 400 -35.29 -16.69 7.42
C LEU A 400 -34.86 -17.94 8.15
N GLU A 401 -35.67 -18.38 9.11
CA GLU A 401 -35.28 -19.50 9.95
C GLU A 401 -35.05 -20.76 9.14
N LYS A 402 -36.01 -21.08 8.27
CA LYS A 402 -35.93 -22.25 7.40
C LYS A 402 -34.85 -22.07 6.34
N ALA A 403 -34.76 -20.87 5.77
CA ALA A 403 -33.71 -20.60 4.79
C ALA A 403 -32.32 -20.85 5.38
N LEU A 404 -32.17 -20.67 6.68
CA LEU A 404 -30.87 -20.86 7.29
C LEU A 404 -30.61 -22.32 7.60
N MET A 405 -31.56 -22.99 8.25
CA MET A 405 -31.37 -24.35 8.74
C MET A 405 -31.91 -25.42 7.79
N GLU A 406 -32.84 -25.08 6.91
CA GLU A 406 -33.42 -26.07 5.98
C GLU A 406 -33.52 -25.48 4.59
N PRO A 407 -32.39 -25.10 3.97
CA PRO A 407 -32.44 -24.59 2.60
C PRO A 407 -32.87 -25.67 1.62
N ARG A 408 -33.29 -25.20 0.44
CA ARG A 408 -33.76 -26.07 -0.62
C ARG A 408 -32.77 -26.08 -1.78
N ILE A 409 -32.46 -27.29 -2.31
CA ILE A 409 -31.56 -27.48 -3.43
C ILE A 409 -32.38 -28.16 -4.57
N LEU A 410 -31.77 -28.73 -5.61
CA LEU A 410 -32.59 -29.33 -6.65
C LEU A 410 -32.45 -30.86 -6.86
N ALA A 411 -33.52 -31.47 -7.39
CA ALA A 411 -33.61 -32.89 -7.72
C ALA A 411 -34.80 -32.91 -8.68
N GLY A 412 -34.54 -32.47 -9.91
CA GLY A 412 -35.56 -32.25 -10.91
C GLY A 412 -36.68 -31.35 -10.43
N LEU A 415 -37.88 -28.86 -5.88
CA LEU A 415 -36.86 -28.42 -4.94
C LEU A 415 -36.91 -29.26 -3.67
N VAL A 416 -35.73 -29.60 -3.16
CA VAL A 416 -35.58 -30.53 -2.05
C VAL A 416 -35.08 -29.77 -0.84
N ALA A 417 -35.82 -29.90 0.26
CA ALA A 417 -35.38 -29.44 1.56
C ALA A 417 -34.23 -30.32 2.03
N GLN A 418 -33.24 -29.69 2.67
CA GLN A 418 -32.08 -30.40 3.20
C GLN A 418 -31.83 -29.87 4.60
N HIS A 419 -32.13 -30.68 5.61
CA HIS A 419 -31.84 -30.27 6.97
C HIS A 419 -30.33 -30.21 7.18
N LEU A 420 -29.85 -29.10 7.74
CA LEU A 420 -28.43 -28.91 7.97
C LEU A 420 -28.11 -29.06 9.44
N ASN A 421 -26.89 -29.51 9.73
CA ASN A 421 -26.40 -29.63 11.10
C ASN A 421 -25.89 -28.28 11.59
N VAL A 422 -25.30 -28.25 12.78
CA VAL A 422 -25.03 -26.98 13.46
C VAL A 422 -24.09 -26.09 12.64
N GLU A 423 -22.81 -26.50 12.52
CA GLU A 423 -21.81 -25.65 11.87
C GLU A 423 -22.01 -25.57 10.36
N LYS A 424 -22.70 -26.55 9.77
CA LYS A 424 -23.18 -26.39 8.42
C LYS A 424 -24.14 -25.21 8.30
N SER A 425 -24.92 -24.95 9.35
CA SER A 425 -25.89 -23.86 9.31
C SER A 425 -25.33 -22.57 9.88
N SER A 426 -24.44 -22.67 10.89
CA SER A 426 -23.73 -21.50 11.37
C SER A 426 -22.90 -20.88 10.26
N SER A 427 -22.30 -21.74 9.44
CA SER A 427 -21.42 -21.29 8.36
C SER A 427 -22.22 -20.60 7.27
N SER A 428 -23.43 -21.10 7.00
CA SER A 428 -24.28 -20.42 6.03
C SER A 428 -24.77 -19.10 6.60
N ARG A 429 -25.09 -19.06 7.90
CA ARG A 429 -25.39 -17.79 8.54
C ARG A 429 -24.23 -16.83 8.41
N ASP A 430 -23.01 -17.32 8.63
CA ASP A 430 -21.83 -16.49 8.41
C ASP A 430 -21.75 -16.04 6.97
N ALA A 431 -22.01 -16.96 6.03
CA ALA A 431 -21.96 -16.60 4.61
C ALA A 431 -22.96 -15.49 4.28
N LEU A 432 -24.12 -15.50 4.93
CA LEU A 432 -25.09 -14.43 4.73
C LEU A 432 -24.58 -13.12 5.32
N VAL A 433 -23.93 -13.18 6.48
CA VAL A 433 -23.38 -11.98 7.09
C VAL A 433 -22.32 -11.36 6.16
N LYS A 434 -21.46 -12.20 5.59
CA LYS A 434 -20.42 -11.70 4.71
C LYS A 434 -21.00 -11.12 3.43
N ALA A 435 -21.98 -11.81 2.83
CA ALA A 435 -22.59 -11.31 1.60
C ALA A 435 -23.33 -10.01 1.86
N LEU A 436 -24.05 -9.94 2.98
CA LEU A 436 -24.76 -8.71 3.34
C LEU A 436 -23.78 -7.55 3.51
N TYR A 437 -22.73 -7.75 4.31
CA TYR A 437 -21.76 -6.69 4.54
C TYR A 437 -21.02 -6.33 3.26
N GLY A 438 -20.62 -7.33 2.47
CA GLY A 438 -19.87 -7.06 1.25
C GLY A 438 -20.67 -6.30 0.22
N ARG A 439 -21.94 -6.70 0.01
CA ARG A 439 -22.77 -6.00 -0.96
C ARG A 439 -23.09 -4.58 -0.48
N LEU A 440 -23.30 -4.41 0.83
CA LEU A 440 -23.51 -3.08 1.36
C LEU A 440 -22.31 -2.19 1.09
N PHE A 441 -21.10 -2.72 1.24
CA PHE A 441 -19.92 -1.92 0.97
C PHE A 441 -19.88 -1.49 -0.49
N LEU A 442 -20.20 -2.41 -1.41
CA LEU A 442 -20.24 -2.04 -2.82
C LEU A 442 -21.31 -0.98 -3.09
N TRP A 443 -22.43 -1.05 -2.37
CA TRP A 443 -23.51 -0.09 -2.58
C TRP A 443 -23.10 1.30 -2.10
N LEU A 444 -22.37 1.38 -0.99
CA LEU A 444 -21.88 2.67 -0.54
C LEU A 444 -21.00 3.32 -1.61
N VAL A 445 -20.11 2.54 -2.22
CA VAL A 445 -19.25 3.07 -3.26
C VAL A 445 -20.08 3.53 -4.45
N LYS A 446 -21.13 2.77 -4.78
CA LYS A 446 -21.98 3.15 -5.90
C LYS A 446 -22.74 4.45 -5.61
N LYS A 447 -23.19 4.61 -4.36
CA LYS A 447 -23.91 5.82 -3.99
C LYS A 447 -22.98 7.03 -3.99
N ILE A 448 -21.75 6.87 -3.48
CA ILE A 448 -20.78 7.96 -3.50
C ILE A 448 -20.40 8.31 -4.93
N ASN A 449 -20.24 7.30 -5.76
CA ASN A 449 -19.97 7.52 -7.18
C ASN A 449 -21.08 8.32 -7.89
N ASN A 450 -22.32 8.23 -7.40
CA ASN A 450 -23.46 8.88 -8.01
C ASN A 450 -23.33 10.41 -7.97
N VAL A 451 -22.82 10.94 -6.86
CA VAL A 451 -22.67 12.38 -6.73
C VAL A 451 -21.29 12.86 -7.20
N LEU A 452 -20.36 11.93 -7.40
CA LEU A 452 -19.01 12.27 -7.83
C LEU A 452 -18.85 12.24 -9.35
N CYS A 453 -19.59 11.34 -10.01
CA CYS A 453 -19.48 11.20 -11.46
C CYS A 453 -20.78 11.50 -12.20
N GLN A 454 -20.95 12.74 -12.65
CA GLN A 454 -22.14 13.12 -13.39
C GLN A 454 -21.84 13.51 -14.84
N GLU A 455 -20.59 13.32 -15.28
CA GLU A 455 -20.22 13.62 -16.65
C GLU A 455 -19.32 12.51 -17.18
N ARG A 456 -19.50 12.17 -18.45
CA ARG A 456 -18.52 11.32 -19.12
C ARG A 456 -17.19 12.05 -19.14
N LYS A 457 -16.13 11.33 -18.78
CA LYS A 457 -14.81 11.93 -18.69
C LYS A 457 -14.10 11.81 -20.04
N ALA A 458 -13.07 12.64 -20.20
CA ALA A 458 -12.11 12.52 -21.29
C ALA A 458 -10.84 11.82 -20.84
N TYR A 459 -10.28 12.23 -19.71
CA TYR A 459 -9.09 11.61 -19.14
C TYR A 459 -9.31 11.41 -17.65
N PHE A 460 -8.40 10.65 -17.03
CA PHE A 460 -8.36 10.57 -15.58
C PHE A 460 -6.93 10.53 -15.07
N ILE A 461 -6.75 11.04 -13.86
CA ILE A 461 -5.54 10.82 -13.06
C ILE A 461 -5.95 9.94 -11.89
N GLY A 462 -5.48 8.72 -11.87
CA GLY A 462 -5.97 7.71 -10.93
C GLY A 462 -5.01 7.50 -9.79
N VAL A 463 -5.56 7.44 -8.57
CA VAL A 463 -4.81 7.23 -7.36
C VAL A 463 -5.09 5.82 -6.87
N LEU A 464 -4.07 4.95 -6.93
CA LEU A 464 -4.19 3.57 -6.49
C LEU A 464 -3.82 3.47 -5.01
N ASP A 465 -4.66 2.81 -4.21
CA ASP A 465 -4.51 2.75 -2.75
C ASP A 465 -4.90 1.33 -2.32
N ILE A 466 -3.91 0.44 -2.23
CA ILE A 466 -4.14 -0.95 -1.87
C ILE A 466 -3.65 -1.20 -0.46
N SER A 467 -4.16 -2.26 0.14
CA SER A 467 -3.66 -2.72 1.42
C SER A 467 -2.21 -3.09 1.27
N GLY A 468 -1.35 -2.48 2.10
CA GLY A 468 0.08 -2.65 1.96
C GLY A 468 0.54 -4.02 2.40
N PHE A 469 1.80 -4.32 2.08
CA PHE A 469 2.41 -5.60 2.43
C PHE A 469 2.23 -5.86 3.92
N GLU A 470 1.88 -7.11 4.26
CA GLU A 470 1.48 -7.47 5.61
C GLU A 470 2.21 -8.71 6.08
N ILE A 471 2.73 -8.64 7.30
CA ILE A 471 3.27 -9.80 8.01
C ILE A 471 2.72 -9.77 9.43
N PHE A 472 1.78 -10.67 9.72
CA PHE A 472 1.28 -10.86 11.06
C PHE A 472 1.97 -12.07 11.66
N LYS A 473 1.66 -12.37 12.94
CA LYS A 473 2.23 -13.56 13.53
C LYS A 473 1.70 -14.81 12.84
N VAL A 474 0.42 -14.81 12.50
CA VAL A 474 -0.22 -15.89 11.73
C VAL A 474 -0.79 -15.24 10.47
N ASN A 475 -0.23 -15.57 9.32
CA ASN A 475 -0.69 -15.05 8.04
C ASN A 475 -1.50 -16.11 7.32
N SER A 476 -2.63 -15.72 6.76
CA SER A 476 -3.57 -16.65 6.17
C SER A 476 -3.87 -16.27 4.73
N PHE A 477 -4.90 -16.88 4.14
CA PHE A 477 -5.21 -16.68 2.73
C PHE A 477 -5.27 -15.20 2.36
N GLU A 478 -5.88 -14.38 3.22
CA GLU A 478 -6.01 -12.97 2.89
C GLU A 478 -4.65 -12.32 2.71
N GLN A 479 -3.68 -12.68 3.56
CA GLN A 479 -2.35 -12.05 3.47
C GLN A 479 -1.63 -12.46 2.20
N LEU A 480 -1.85 -13.69 1.72
CA LEU A 480 -1.19 -14.12 0.50
C LEU A 480 -1.73 -13.34 -0.70
N CYS A 481 -3.03 -13.03 -0.69
CA CYS A 481 -3.60 -12.22 -1.76
C CYS A 481 -3.13 -10.78 -1.67
N ILE A 482 -3.06 -10.24 -0.45
CA ILE A 482 -2.61 -8.87 -0.27
C ILE A 482 -1.17 -8.72 -0.74
N ASN A 483 -0.29 -9.61 -0.25
CA ASN A 483 1.14 -9.50 -0.56
C ASN A 483 1.41 -9.83 -2.02
N TYR A 484 0.53 -10.64 -2.64
CA TYR A 484 0.63 -10.92 -4.07
C TYR A 484 0.27 -9.69 -4.89
N THR A 485 -0.76 -8.94 -4.48
CA THR A 485 -1.06 -7.67 -5.14
C THR A 485 0.14 -6.72 -5.06
N ASN A 486 0.75 -6.60 -3.88
CA ASN A 486 1.95 -5.77 -3.76
C ASN A 486 3.09 -6.35 -4.60
N GLU A 487 3.21 -7.68 -4.66
CA GLU A 487 4.27 -8.30 -5.45
C GLU A 487 4.14 -7.94 -6.92
N LYS A 488 2.92 -7.95 -7.47
CA LYS A 488 2.73 -7.62 -8.87
C LYS A 488 2.88 -6.12 -9.10
N LEU A 489 2.50 -5.28 -8.12
CA LEU A 489 2.67 -3.84 -8.29
C LEU A 489 4.13 -3.44 -8.18
N GLN A 490 4.90 -4.12 -7.32
CA GLN A 490 6.32 -3.86 -7.28
C GLN A 490 6.98 -4.27 -8.60
N GLN A 491 6.54 -5.38 -9.20
CA GLN A 491 7.07 -5.75 -10.51
C GLN A 491 6.69 -4.71 -11.56
N PHE A 492 5.44 -4.24 -11.52
CA PHE A 492 5.04 -3.14 -12.39
C PHE A 492 5.98 -1.96 -12.25
N PHE A 493 6.34 -1.60 -11.02
CA PHE A 493 7.31 -0.54 -10.81
C PHE A 493 8.68 -0.91 -11.40
N ASN A 494 9.14 -2.14 -11.15
CA ASN A 494 10.46 -2.54 -11.59
C ASN A 494 10.58 -2.48 -13.10
N HIS A 495 9.55 -2.95 -13.82
CA HIS A 495 9.59 -2.89 -15.28
C HIS A 495 9.62 -1.45 -15.77
N HIS A 496 8.81 -0.58 -15.14
CA HIS A 496 8.81 0.82 -15.55
C HIS A 496 10.17 1.45 -15.29
N MET A 497 10.77 1.17 -14.15
CA MET A 497 12.14 1.61 -13.90
C MET A 497 13.07 1.15 -15.01
N PHE A 498 12.92 -0.11 -15.43
CA PHE A 498 13.81 -0.69 -16.43
C PHE A 498 13.79 0.12 -17.72
N LYS A 499 12.60 0.44 -18.22
CA LYS A 499 12.49 1.13 -19.50
C LYS A 499 12.98 2.57 -19.41
N LEU A 500 12.74 3.23 -18.29
CA LEU A 500 13.28 4.58 -18.11
C LEU A 500 14.80 4.54 -17.97
N GLU A 501 15.35 3.47 -17.39
CA GLU A 501 16.79 3.35 -17.28
C GLU A 501 17.43 3.07 -18.63
N GLN A 502 16.82 2.18 -19.42
CA GLN A 502 17.30 1.95 -20.78
C GLN A 502 17.33 3.24 -21.58
N GLU A 503 16.24 4.01 -21.52
CA GLU A 503 16.18 5.30 -22.18
C GLU A 503 17.35 6.18 -21.75
N GLU A 504 17.72 6.12 -20.48
CA GLU A 504 18.79 6.98 -19.98
C GLU A 504 20.16 6.52 -20.47
N TYR A 505 20.35 5.21 -20.65
CA TYR A 505 21.66 4.71 -21.02
C TYR A 505 21.97 4.96 -22.48
N LEU A 506 20.99 4.79 -23.36
CA LEU A 506 21.23 4.95 -24.79
C LEU A 506 21.22 6.42 -25.19
N LYS A 507 20.42 7.25 -24.52
CA LYS A 507 20.53 8.68 -24.71
C LYS A 507 21.92 9.18 -24.37
N GLU A 508 22.61 8.47 -23.47
CA GLU A 508 23.99 8.78 -23.09
C GLU A 508 25.00 7.90 -23.79
N LYS A 509 24.53 6.95 -24.61
CA LYS A 509 25.42 6.03 -25.33
C LYS A 509 26.36 5.31 -24.37
N ILE A 510 25.84 4.90 -23.23
CA ILE A 510 26.58 4.06 -22.31
C ILE A 510 26.40 2.61 -22.74
N ASN A 511 27.50 1.91 -22.97
CA ASN A 511 27.39 0.50 -23.33
C ASN A 511 27.32 -0.30 -22.05
N TRP A 512 26.10 -0.53 -21.57
CA TRP A 512 25.84 -1.40 -20.45
C TRP A 512 24.55 -2.15 -20.75
N THR A 513 24.52 -3.43 -20.41
CA THR A 513 23.39 -4.30 -20.76
C THR A 513 22.87 -5.01 -19.52
N PHE A 514 21.66 -4.65 -19.10
CA PHE A 514 20.98 -5.27 -17.99
C PHE A 514 19.68 -5.91 -18.47
N ILE A 515 19.30 -7.02 -17.84
CA ILE A 515 18.06 -7.68 -18.20
C ILE A 515 16.89 -7.00 -17.49
N ASP A 516 15.69 -7.24 -17.99
CA ASP A 516 14.50 -6.58 -17.48
C ASP A 516 14.35 -6.79 -15.99
N PHE A 517 14.29 -5.69 -15.22
CA PHE A 517 14.18 -5.79 -13.78
C PHE A 517 12.88 -6.48 -13.35
N GLY A 518 11.85 -6.46 -14.21
CA GLY A 518 10.60 -7.11 -13.85
C GLY A 518 10.77 -8.60 -13.58
N LEU A 519 11.77 -9.21 -14.24
CA LEU A 519 11.91 -10.66 -14.18
C LEU A 519 12.40 -11.16 -12.84
N ASP A 520 12.98 -10.28 -12.00
CA ASP A 520 13.38 -10.71 -10.67
C ASP A 520 12.18 -11.08 -9.81
N SER A 521 11.04 -10.46 -10.04
CA SER A 521 9.81 -10.81 -9.33
C SER A 521 9.12 -12.03 -9.92
N GLN A 522 9.53 -12.48 -11.12
CA GLN A 522 8.73 -13.45 -11.87
C GLN A 522 8.67 -14.80 -11.19
N ALA A 523 9.74 -15.22 -10.51
CA ALA A 523 9.71 -16.51 -9.83
C ALA A 523 8.64 -16.54 -8.76
N THR A 524 8.49 -15.43 -8.02
CA THR A 524 7.52 -15.41 -6.92
C THR A 524 6.09 -15.34 -7.45
N ILE A 525 5.87 -14.61 -8.54
CA ILE A 525 4.53 -14.50 -9.10
C ILE A 525 4.12 -15.81 -9.76
N ASP A 526 5.08 -16.49 -10.41
CA ASP A 526 4.81 -17.79 -10.99
C ASP A 526 4.43 -18.79 -9.90
N LEU A 527 5.14 -18.75 -8.76
CA LEU A 527 4.81 -19.63 -7.65
C LEU A 527 3.39 -19.38 -7.17
N ILE A 528 2.99 -18.12 -7.06
CA ILE A 528 1.67 -17.82 -6.53
C ILE A 528 0.57 -18.10 -7.58
N ASP A 529 0.80 -17.72 -8.85
CA ASP A 529 -0.30 -17.72 -9.80
C ASP A 529 0.06 -18.14 -11.22
N GLY A 530 1.17 -18.86 -11.42
CA GLY A 530 1.58 -19.26 -12.75
C GLY A 530 0.61 -20.23 -13.38
N ARG A 531 0.75 -20.47 -14.68
CA ARG A 531 -0.19 -21.37 -15.32
C ARG A 531 0.40 -22.76 -15.56
N GLN A 532 1.63 -22.83 -16.09
CA GLN A 532 2.35 -24.10 -16.28
C GLN A 532 3.80 -23.89 -15.90
N PRO A 533 4.28 -24.35 -14.71
CA PRO A 533 3.52 -25.10 -13.70
C PRO A 533 2.38 -24.31 -13.04
N PRO A 534 1.32 -25.02 -12.66
CA PRO A 534 0.23 -24.38 -11.91
C PRO A 534 0.73 -23.84 -10.59
N GLY A 535 0.33 -22.61 -10.26
CA GLY A 535 0.74 -21.96 -9.04
C GLY A 535 -0.14 -22.32 -7.87
N ILE A 536 0.09 -21.62 -6.75
CA ILE A 536 -0.64 -21.94 -5.52
C ILE A 536 -2.13 -21.73 -5.71
N LEU A 537 -2.52 -20.58 -6.26
CA LEU A 537 -3.93 -20.26 -6.39
C LEU A 537 -4.64 -21.24 -7.31
N ALA A 538 -3.96 -21.75 -8.33
CA ALA A 538 -4.56 -22.77 -9.20
C ALA A 538 -4.71 -24.08 -8.45
N LEU A 539 -3.68 -24.47 -7.69
CA LEU A 539 -3.77 -25.67 -6.87
C LEU A 539 -4.86 -25.53 -5.81
N LEU A 540 -5.08 -24.30 -5.33
CA LEU A 540 -6.16 -24.07 -4.38
C LEU A 540 -7.53 -24.22 -5.06
N ASP A 541 -7.69 -23.64 -6.24
CA ASP A 541 -8.95 -23.79 -6.97
C ASP A 541 -9.23 -25.24 -7.29
N GLU A 542 -8.18 -26.02 -7.56
CA GLU A 542 -8.35 -27.44 -7.87
C GLU A 542 -8.81 -28.20 -6.64
N GLN A 543 -8.16 -27.97 -5.49
CA GLN A 543 -8.54 -28.67 -4.27
C GLN A 543 -9.93 -28.25 -3.79
N SER A 544 -10.34 -27.02 -4.09
CA SER A 544 -11.63 -26.54 -3.61
C SER A 544 -12.78 -27.31 -4.25
N VAL A 545 -12.57 -27.88 -5.44
CA VAL A 545 -13.62 -28.66 -6.09
C VAL A 545 -13.38 -30.16 -5.99
N PHE A 546 -12.25 -30.58 -5.41
CA PHE A 546 -12.04 -32.01 -5.22
C PHE A 546 -12.88 -32.49 -4.05
N PRO A 547 -13.64 -33.57 -4.20
CA PRO A 547 -14.67 -33.89 -3.18
C PRO A 547 -14.15 -33.94 -1.75
N ASN A 548 -13.10 -34.72 -1.48
CA ASN A 548 -12.68 -34.97 -0.11
C ASN A 548 -11.42 -34.22 0.30
N ALA A 549 -11.05 -33.16 -0.43
CA ALA A 549 -9.83 -32.44 -0.10
C ALA A 549 -9.93 -31.84 1.30
N THR A 550 -8.83 -31.86 2.05
CA THR A 550 -8.83 -31.10 3.29
C THR A 550 -7.72 -30.06 3.22
N ASP A 551 -7.51 -29.33 4.31
CA ASP A 551 -6.39 -28.39 4.35
C ASP A 551 -5.06 -29.14 4.41
N ASN A 552 -5.01 -30.26 5.13
CA ASN A 552 -3.82 -31.11 5.08
C ASN A 552 -3.57 -31.63 3.67
N THR A 553 -4.62 -32.06 2.99
CA THR A 553 -4.42 -32.48 1.59
C THR A 553 -3.90 -31.32 0.76
N LEU A 554 -4.37 -30.10 1.04
CA LEU A 554 -3.99 -28.96 0.22
C LEU A 554 -2.51 -28.63 0.37
N ILE A 555 -2.04 -28.51 1.62
CA ILE A 555 -0.65 -28.14 1.83
C ILE A 555 0.28 -29.25 1.36
N THR A 556 -0.13 -30.50 1.54
CA THR A 556 0.67 -31.60 0.99
C THR A 556 0.83 -31.45 -0.52
N LYS A 557 -0.28 -31.18 -1.22
CA LYS A 557 -0.19 -30.92 -2.64
C LYS A 557 0.74 -29.74 -2.92
N LEU A 558 0.68 -28.70 -2.08
CA LEU A 558 1.55 -27.55 -2.25
C LEU A 558 3.02 -27.96 -2.14
N HIS A 559 3.37 -28.68 -1.06
CA HIS A 559 4.75 -29.11 -0.90
C HIS A 559 5.19 -30.00 -2.07
N SER A 560 4.32 -30.92 -2.49
CA SER A 560 4.67 -31.82 -3.58
C SER A 560 5.05 -31.05 -4.84
N HIS A 561 4.34 -29.96 -5.10
CA HIS A 561 4.59 -29.20 -6.33
C HIS A 561 5.81 -28.31 -6.22
N PHE A 562 6.17 -27.86 -5.02
CA PHE A 562 7.11 -26.76 -4.94
C PHE A 562 8.32 -26.97 -4.03
N SER A 563 8.19 -27.77 -2.97
CA SER A 563 9.29 -27.92 -2.04
C SER A 563 10.53 -28.41 -2.78
N LYS A 564 11.59 -27.59 -2.74
CA LYS A 564 12.84 -27.84 -3.46
C LYS A 564 12.67 -27.81 -4.97
N LYS A 565 11.60 -27.19 -5.47
CA LYS A 565 11.37 -27.09 -6.92
C LYS A 565 11.22 -25.65 -7.39
N ASN A 566 10.46 -24.83 -6.68
CA ASN A 566 10.43 -23.38 -6.92
C ASN A 566 11.40 -22.75 -5.93
N ALA A 567 12.26 -21.86 -6.44
CA ALA A 567 13.33 -21.33 -5.60
C ALA A 567 12.83 -20.36 -4.54
N LYS A 568 11.63 -19.83 -4.69
CA LYS A 568 11.07 -18.88 -3.75
C LYS A 568 10.12 -19.52 -2.74
N TYR A 569 9.96 -20.84 -2.80
CA TYR A 569 9.09 -21.61 -1.91
C TYR A 569 9.94 -22.27 -0.84
N GLU A 570 9.33 -22.47 0.33
CA GLU A 570 10.01 -23.18 1.42
C GLU A 570 9.02 -24.07 2.17
N GLU A 571 9.35 -25.36 2.25
CA GLU A 571 8.66 -26.26 3.17
C GLU A 571 9.38 -26.16 4.50
N PRO A 572 8.77 -25.61 5.54
CA PRO A 572 9.48 -25.46 6.83
C PRO A 572 9.78 -26.83 7.44
N ARG A 573 10.98 -26.94 8.02
CA ARG A 573 11.32 -28.15 8.76
C ARG A 573 10.50 -28.25 10.03
N PHE A 574 10.11 -27.11 10.62
CA PHE A 574 9.51 -27.12 11.94
C PHE A 574 8.03 -27.52 11.89
N SER A 575 7.27 -26.94 10.96
CA SER A 575 5.82 -27.11 10.98
C SER A 575 5.30 -27.80 9.73
N LYS A 576 4.14 -28.46 9.88
CA LYS A 576 3.52 -29.21 8.80
C LYS A 576 2.30 -28.53 8.22
N THR A 577 1.94 -27.35 8.73
CA THR A 577 0.77 -26.62 8.24
C THR A 577 1.15 -25.26 7.65
N GLU A 578 2.43 -25.02 7.39
CA GLU A 578 2.90 -23.73 6.91
C GLU A 578 3.75 -23.91 5.65
N PHE A 579 3.62 -22.96 4.73
CA PHE A 579 4.50 -22.84 3.57
C PHE A 579 4.99 -21.40 3.53
N GLY A 580 6.23 -21.23 3.07
CA GLY A 580 6.87 -19.93 3.02
C GLY A 580 7.02 -19.45 1.60
N VAL A 581 6.78 -18.15 1.39
CA VAL A 581 6.99 -17.50 0.10
C VAL A 581 8.02 -16.40 0.30
N THR A 582 8.96 -16.30 -0.63
CA THR A 582 9.99 -15.26 -0.58
C THR A 582 9.53 -14.12 -1.46
N HIS A 583 8.98 -13.07 -0.84
CA HIS A 583 8.54 -11.91 -1.59
C HIS A 583 9.70 -10.94 -1.79
N TYR A 584 9.44 -9.87 -2.55
CA TYR A 584 10.42 -8.79 -2.68
C TYR A 584 10.72 -8.15 -1.33
N ALA A 585 9.76 -8.18 -0.41
CA ALA A 585 9.91 -7.54 0.89
C ALA A 585 10.45 -8.50 1.95
N GLY A 586 10.77 -9.73 1.58
CA GLY A 586 11.23 -10.73 2.51
C GLY A 586 10.34 -11.97 2.47
N GLN A 587 10.67 -12.91 3.35
CA GLN A 587 9.95 -14.17 3.44
C GLN A 587 8.74 -14.02 4.35
N VAL A 588 7.63 -14.61 3.93
CA VAL A 588 6.41 -14.67 4.73
C VAL A 588 5.97 -16.12 4.80
N MET A 589 5.55 -16.56 5.98
CA MET A 589 5.08 -17.92 6.18
C MET A 589 3.58 -17.90 6.37
N TYR A 590 2.87 -18.71 5.60
CA TYR A 590 1.41 -18.71 5.62
C TYR A 590 0.90 -20.00 6.24
N GLU A 591 0.02 -19.86 7.22
CA GLU A 591 -0.67 -21.00 7.80
C GLU A 591 -1.82 -21.39 6.89
N ILE A 592 -1.98 -22.70 6.68
CA ILE A 592 -2.93 -23.18 5.68
C ILE A 592 -4.32 -23.43 6.23
N GLN A 593 -4.54 -23.26 7.54
CA GLN A 593 -5.83 -23.56 8.13
C GLN A 593 -6.96 -22.82 7.41
N ASP A 594 -8.00 -23.57 7.07
CA ASP A 594 -9.25 -23.01 6.55
C ASP A 594 -9.10 -22.34 5.18
N TRP A 595 -8.11 -22.72 4.38
CA TRP A 595 -7.99 -22.05 3.09
C TRP A 595 -9.05 -22.53 2.11
N LEU A 596 -9.43 -23.80 2.19
CA LEU A 596 -10.48 -24.32 1.31
C LEU A 596 -11.83 -23.66 1.63
N GLU A 597 -12.18 -23.56 2.92
CA GLU A 597 -13.43 -22.93 3.29
C GLU A 597 -13.43 -21.43 2.96
N LYS A 598 -12.30 -20.76 3.15
CA LYS A 598 -12.20 -19.35 2.78
C LYS A 598 -12.35 -19.16 1.27
N ASN A 599 -11.86 -20.10 0.48
CA ASN A 599 -11.93 -19.99 -0.97
C ASN A 599 -13.34 -20.23 -1.49
N LYS A 600 -14.10 -21.11 -0.83
CA LYS A 600 -15.48 -21.38 -1.22
C LYS A 600 -16.39 -20.27 -0.73
N ASP A 601 -17.28 -19.82 -1.62
CA ASP A 601 -18.12 -18.64 -1.37
C ASP A 601 -19.50 -18.89 -1.90
N PRO A 602 -20.30 -19.74 -1.26
CA PRO A 602 -21.68 -19.96 -1.64
C PRO A 602 -22.63 -19.07 -0.84
N LEU A 603 -23.81 -18.87 -1.43
CA LEU A 603 -24.97 -18.34 -0.74
C LEU A 603 -26.16 -19.14 -1.24
N GLN A 604 -26.89 -19.76 -0.31
CA GLN A 604 -28.05 -20.55 -0.70
C GLN A 604 -29.14 -19.64 -1.25
N GLN A 605 -29.78 -20.09 -2.34
CA GLN A 605 -30.77 -19.25 -3.00
C GLN A 605 -31.96 -18.97 -2.09
N ASP A 606 -32.26 -19.88 -1.16
CA ASP A 606 -33.35 -19.63 -0.22
C ASP A 606 -33.08 -18.35 0.58
N LEU A 607 -31.84 -18.15 1.00
CA LEU A 607 -31.49 -16.91 1.70
C LEU A 607 -31.68 -15.69 0.79
N GLU A 608 -31.29 -15.80 -0.49
CA GLU A 608 -31.35 -14.64 -1.38
C GLU A 608 -32.78 -14.31 -1.80
N LEU A 609 -33.61 -15.34 -1.97
CA LEU A 609 -35.04 -15.11 -2.18
C LEU A 609 -35.71 -14.55 -0.93
N CYS A 610 -35.22 -14.92 0.27
CA CYS A 610 -35.79 -14.40 1.50
C CYS A 610 -35.54 -12.91 1.67
N PHE A 611 -34.40 -12.42 1.20
CA PHE A 611 -34.06 -11.00 1.33
C PHE A 611 -34.46 -10.17 0.12
N LYS A 612 -34.62 -10.79 -1.05
CA LYS A 612 -35.25 -10.09 -2.16
C LYS A 612 -36.64 -9.61 -1.77
N ASP A 613 -37.34 -10.40 -0.96
CA ASP A 613 -38.70 -10.15 -0.51
C ASP A 613 -38.78 -9.14 0.63
N SER A 614 -37.64 -8.60 1.06
CA SER A 614 -37.63 -7.71 2.21
C SER A 614 -38.37 -6.41 1.89
N SER A 615 -38.90 -5.78 2.94
CA SER A 615 -39.62 -4.53 2.81
C SER A 615 -38.73 -3.30 2.91
N ASP A 616 -37.43 -3.48 3.06
CA ASP A 616 -36.48 -2.38 3.16
C ASP A 616 -35.93 -2.05 1.78
N ASN A 617 -35.91 -0.76 1.44
CA ASN A 617 -35.53 -0.38 0.08
C ASN A 617 -34.05 -0.63 -0.18
N VAL A 618 -33.19 -0.34 0.80
CA VAL A 618 -31.77 -0.57 0.61
C VAL A 618 -31.46 -2.05 0.50
N VAL A 619 -32.04 -2.86 1.39
CA VAL A 619 -31.76 -4.30 1.38
C VAL A 619 -32.12 -4.90 0.04
N THR A 620 -33.28 -4.53 -0.50
CA THR A 620 -33.72 -5.10 -1.78
C THR A 620 -32.71 -4.84 -2.88
N LYS A 621 -32.10 -3.65 -2.88
CA LYS A 621 -31.10 -3.34 -3.90
C LYS A 621 -29.86 -4.21 -3.75
N LEU A 622 -29.54 -4.62 -2.52
CA LEU A 622 -28.38 -5.47 -2.31
C LEU A 622 -28.54 -6.83 -2.96
N PHE A 623 -29.77 -7.29 -3.18
CA PHE A 623 -30.02 -8.60 -3.75
C PHE A 623 -30.67 -8.55 -5.13
N ASN A 624 -31.05 -7.38 -5.62
CA ASN A 624 -31.74 -7.25 -6.89
C ASN A 624 -30.94 -6.50 -7.94
N ASP A 625 -30.08 -5.59 -7.55
CA ASP A 625 -29.22 -4.87 -8.50
C ASP A 625 -28.19 -5.84 -9.07
N PRO A 626 -28.19 -6.10 -10.39
CA PRO A 626 -27.20 -7.06 -10.95
C PRO A 626 -25.75 -6.64 -10.78
N ASN A 627 -25.47 -5.40 -10.35
CA ASN A 627 -24.09 -4.99 -10.11
C ASN A 627 -23.70 -5.16 -8.65
N ILE A 628 -24.56 -4.73 -7.72
CA ILE A 628 -24.30 -4.97 -6.31
C ILE A 628 -24.39 -6.46 -5.99
N ALA A 629 -25.54 -7.07 -6.30
CA ALA A 629 -25.68 -8.51 -6.32
C ALA A 629 -25.09 -9.05 -7.63
N SER A 630 -25.16 -10.37 -7.84
CA SER A 630 -24.60 -11.01 -9.04
C SER A 630 -23.15 -10.59 -9.29
N ARG A 631 -22.46 -10.19 -8.22
CA ARG A 631 -21.04 -9.88 -8.27
C ARG A 631 -20.26 -11.18 -8.37
N ALA A 632 -19.44 -11.27 -9.42
CA ALA A 632 -18.68 -12.47 -9.75
C ALA A 632 -19.55 -13.72 -9.59
N LYS A 633 -20.65 -13.74 -10.32
CA LYS A 633 -21.54 -14.89 -10.34
C LYS A 633 -21.23 -15.61 -11.65
N LYS A 634 -21.47 -16.91 -11.68
CA LYS A 634 -21.18 -17.65 -12.89
C LYS A 634 -22.24 -18.67 -13.22
N GLY A 635 -23.28 -18.25 -13.93
CA GLY A 635 -24.36 -19.12 -14.37
C GLY A 635 -24.84 -20.17 -13.40
N ALA A 636 -25.52 -19.68 -12.36
CA ALA A 636 -26.10 -20.40 -11.22
C ALA A 636 -25.04 -20.93 -10.28
N ASN A 637 -23.85 -20.33 -10.31
CA ASN A 637 -22.76 -20.74 -9.47
C ASN A 637 -21.98 -19.51 -9.02
N PHE A 638 -21.39 -19.57 -7.83
CA PHE A 638 -20.57 -18.49 -7.34
C PHE A 638 -19.12 -18.93 -7.53
N ILE A 639 -18.27 -18.09 -8.08
CA ILE A 639 -16.90 -18.47 -8.31
C ILE A 639 -16.09 -18.31 -7.04
N THR A 640 -14.91 -18.88 -7.02
CA THR A 640 -14.08 -18.88 -5.83
C THR A 640 -13.48 -17.49 -5.59
N VAL A 641 -13.12 -17.24 -4.33
CA VAL A 641 -12.49 -15.96 -3.97
C VAL A 641 -11.19 -15.79 -4.73
N ALA A 642 -10.44 -16.87 -4.92
CA ALA A 642 -9.23 -16.79 -5.74
C ALA A 642 -9.57 -16.40 -7.17
N ALA A 643 -10.65 -16.97 -7.72
CA ALA A 643 -11.12 -16.55 -9.04
C ALA A 643 -11.57 -15.10 -9.02
N GLN A 644 -12.38 -14.70 -8.03
CA GLN A 644 -12.77 -13.30 -7.92
C GLN A 644 -11.53 -12.41 -7.80
N TYR A 645 -10.55 -12.83 -7.03
CA TYR A 645 -9.34 -12.05 -6.86
C TYR A 645 -8.52 -11.88 -8.09
N LYS A 646 -8.37 -12.91 -8.85
CA LYS A 646 -7.61 -12.83 -10.10
C LYS A 646 -8.30 -11.91 -11.11
N GLU A 647 -9.63 -11.95 -11.15
CA GLU A 647 -10.38 -11.09 -12.06
C GLU A 647 -10.05 -9.61 -11.82
N GLN A 648 -10.13 -9.18 -10.56
CA GLN A 648 -9.90 -7.77 -10.25
C GLN A 648 -8.44 -7.39 -10.49
N LEU A 649 -7.51 -8.26 -10.10
CA LEU A 649 -6.09 -7.95 -10.29
C LEU A 649 -5.76 -7.81 -11.77
N ALA A 650 -6.28 -8.73 -12.59
CA ALA A 650 -5.96 -8.68 -14.02
C ALA A 650 -6.52 -7.42 -14.67
N SER A 651 -7.72 -7.00 -14.25
CA SER A 651 -8.30 -5.78 -14.81
C SER A 651 -7.53 -4.55 -14.34
N LEU A 652 -7.09 -4.54 -13.08
CA LEU A 652 -6.29 -3.42 -12.61
C LEU A 652 -5.00 -3.31 -13.41
N MET A 653 -4.27 -4.41 -13.55
CA MET A 653 -3.01 -4.38 -14.27
C MET A 653 -3.20 -4.00 -15.73
N ALA A 654 -4.33 -4.38 -16.33
CA ALA A 654 -4.64 -3.95 -17.68
C ALA A 654 -4.86 -2.44 -17.74
N THR A 655 -5.64 -1.90 -16.81
CA THR A 655 -5.81 -0.45 -16.75
C THR A 655 -4.48 0.24 -16.50
N LEU A 656 -3.65 -0.32 -15.62
CA LEU A 656 -2.41 0.33 -15.24
C LEU A 656 -1.41 0.38 -16.39
N GLU A 657 -1.40 -0.65 -17.24
CA GLU A 657 -0.42 -0.69 -18.33
C GLU A 657 -0.71 0.32 -19.41
N THR A 658 -1.94 0.85 -19.47
CA THR A 658 -2.26 1.89 -20.43
C THR A 658 -1.85 3.28 -19.94
N THR A 659 -1.62 3.44 -18.64
CA THR A 659 -1.36 4.75 -18.05
C THR A 659 0.13 5.04 -17.96
N ASN A 660 0.46 6.30 -17.65
CA ASN A 660 1.80 6.70 -17.32
C ASN A 660 1.90 6.74 -15.80
N PRO A 661 2.75 5.94 -15.16
CA PRO A 661 2.67 5.83 -13.69
C PRO A 661 3.62 6.73 -12.91
N HIS A 662 3.17 7.12 -11.71
CA HIS A 662 3.95 7.88 -10.75
C HIS A 662 3.77 7.23 -9.39
N PHE A 663 4.80 7.29 -8.55
CA PHE A 663 4.81 6.54 -7.30
C PHE A 663 5.16 7.44 -6.13
N VAL A 664 4.35 7.36 -5.07
CA VAL A 664 4.53 8.13 -3.85
C VAL A 664 4.55 7.16 -2.68
N ARG A 665 5.46 7.39 -1.73
CA ARG A 665 5.64 6.52 -0.60
C ARG A 665 5.54 7.36 0.67
N CYS A 666 4.51 7.10 1.48
CA CYS A 666 4.27 7.86 2.70
C CYS A 666 4.74 7.05 3.90
N ILE A 667 5.45 7.72 4.82
CA ILE A 667 6.18 7.05 5.89
C ILE A 667 5.78 7.62 7.24
N ILE A 668 5.58 6.75 8.23
CA ILE A 668 5.39 7.17 9.61
C ILE A 668 6.78 7.35 10.22
N PRO A 669 7.11 8.52 10.78
CA PRO A 669 8.44 8.66 11.38
C PRO A 669 8.63 7.77 12.60
N ASN A 670 7.59 7.58 13.39
CA ASN A 670 7.67 6.82 14.63
C ASN A 670 6.26 6.39 15.02
N ASN A 671 6.16 5.64 16.11
CA ASN A 671 4.85 5.19 16.58
C ASN A 671 4.34 5.99 17.76
N LYS A 672 4.88 7.19 17.99
CA LYS A 672 4.46 8.02 19.12
C LYS A 672 3.79 9.31 18.68
N GLN A 673 3.47 9.46 17.41
CA GLN A 673 2.89 10.68 16.87
C GLN A 673 3.67 11.91 17.31
N LEU A 674 4.99 11.85 17.11
CA LEU A 674 5.87 12.87 17.62
C LEU A 674 6.62 13.57 16.48
N PRO A 675 6.69 14.89 16.46
CA PRO A 675 7.47 15.57 15.43
C PRO A 675 8.96 15.49 15.72
N ALA A 676 9.75 15.50 14.64
CA ALA A 676 11.20 15.57 14.70
C ALA A 676 11.82 14.39 15.45
N LYS A 677 11.24 13.21 15.31
CA LYS A 677 11.84 12.00 15.88
C LYS A 677 11.69 10.87 14.86
N LEU A 678 12.65 10.79 13.95
CA LEU A 678 12.70 9.72 12.96
C LEU A 678 13.44 8.53 13.57
N GLU A 679 12.82 7.35 13.51
CA GLU A 679 13.38 6.14 14.10
C GLU A 679 13.69 5.14 12.99
N ASP A 680 14.91 4.60 12.98
CA ASP A 680 15.32 3.74 11.88
C ASP A 680 14.46 2.48 11.80
N LYS A 681 14.17 1.86 12.95
CA LYS A 681 13.42 0.60 12.93
C LYS A 681 12.04 0.80 12.32
N VAL A 682 11.37 1.89 12.66
CA VAL A 682 10.04 2.14 12.12
C VAL A 682 10.13 2.45 10.63
N VAL A 683 11.01 3.39 10.25
CA VAL A 683 11.07 3.84 8.87
C VAL A 683 11.51 2.70 7.95
N LEU A 684 12.61 2.03 8.32
CA LEU A 684 13.19 1.02 7.43
C LEU A 684 12.18 -0.09 7.14
N ASP A 685 11.42 -0.50 8.15
CA ASP A 685 10.42 -1.55 7.93
C ASP A 685 9.45 -1.15 6.83
N GLN A 686 9.06 0.12 6.79
CA GLN A 686 8.10 0.56 5.80
C GLN A 686 8.71 0.58 4.41
N LEU A 687 9.96 1.01 4.29
CA LEU A 687 10.61 1.09 2.99
C LEU A 687 10.89 -0.28 2.39
N ARG A 688 11.00 -1.31 3.24
CA ARG A 688 11.04 -2.67 2.73
C ARG A 688 9.70 -3.08 2.14
N CYS A 689 8.61 -2.75 2.84
CA CYS A 689 7.29 -3.19 2.42
C CYS A 689 6.79 -2.40 1.22
N ASN A 690 7.08 -1.11 1.16
CA ASN A 690 6.53 -0.25 0.11
C ASN A 690 7.38 -0.23 -1.15
N GLY A 691 8.49 -0.96 -1.19
CA GLY A 691 9.24 -1.17 -2.41
C GLY A 691 10.48 -0.31 -2.58
N VAL A 692 10.66 0.73 -1.75
CA VAL A 692 11.78 1.63 -1.93
C VAL A 692 13.10 0.89 -1.82
N LEU A 693 13.20 -0.02 -0.84
CA LEU A 693 14.45 -0.77 -0.67
C LEU A 693 14.67 -1.74 -1.83
N GLU A 694 13.59 -2.28 -2.39
CA GLU A 694 13.73 -3.10 -3.58
C GLU A 694 14.31 -2.27 -4.72
N GLY A 695 13.85 -1.03 -4.86
CA GLY A 695 14.41 -0.16 -5.88
C GLY A 695 15.86 0.17 -5.61
N ILE A 696 16.21 0.35 -4.33
CA ILE A 696 17.61 0.60 -3.97
C ILE A 696 18.47 -0.57 -4.41
N ARG A 697 18.00 -1.80 -4.16
CA ARG A 697 18.78 -2.98 -4.51
C ARG A 697 19.13 -3.00 -5.99
N ILE A 698 18.21 -2.56 -6.84
CA ILE A 698 18.46 -2.57 -8.28
C ILE A 698 19.37 -1.41 -8.66
N THR A 699 19.16 -0.23 -8.07
CA THR A 699 19.95 0.93 -8.44
C THR A 699 21.43 0.70 -8.14
N ARG A 700 21.73 0.13 -6.97
CA ARG A 700 23.13 0.00 -6.56
C ARG A 700 23.89 -1.02 -7.39
N LYS A 701 23.20 -1.87 -8.14
CA LYS A 701 23.91 -2.84 -8.98
C LYS A 701 24.53 -2.17 -10.20
N GLY A 702 23.94 -1.09 -10.70
CA GLY A 702 24.40 -0.48 -11.93
C GLY A 702 25.35 0.70 -11.78
N PHE A 703 25.01 1.81 -12.43
CA PHE A 703 25.79 3.05 -12.39
C PHE A 703 24.87 4.14 -11.88
N PRO A 704 24.73 4.30 -10.56
CA PRO A 704 23.75 5.27 -10.05
C PRO A 704 24.16 6.72 -10.22
N ASN A 705 25.42 7.04 -9.91
CA ASN A 705 25.87 8.42 -9.89
C ASN A 705 26.30 8.85 -11.29
N ARG A 706 25.62 9.87 -11.82
CA ARG A 706 25.84 10.34 -13.18
C ARG A 706 26.11 11.84 -13.14
N ILE A 707 27.34 12.24 -13.45
CA ILE A 707 27.81 13.61 -13.28
C ILE A 707 28.09 14.23 -14.64
N ILE A 708 27.54 15.42 -14.86
CA ILE A 708 27.94 16.21 -16.03
C ILE A 708 29.40 16.61 -15.85
N TYR A 709 30.17 16.48 -16.93
CA TYR A 709 31.62 16.56 -16.82
C TYR A 709 32.07 17.86 -16.16
N ALA A 710 31.57 18.99 -16.65
CA ALA A 710 32.02 20.28 -16.15
C ALA A 710 31.84 20.39 -14.64
N ASP A 711 30.80 19.75 -14.09
CA ASP A 711 30.62 19.75 -12.64
C ASP A 711 31.67 18.89 -11.95
N PHE A 712 31.95 17.70 -12.50
CA PHE A 712 32.99 16.85 -11.94
C PHE A 712 34.33 17.59 -11.94
N VAL A 713 34.71 18.15 -13.09
CA VAL A 713 35.97 18.88 -13.18
C VAL A 713 36.00 20.02 -12.17
N LYS A 714 34.91 20.79 -12.08
CA LYS A 714 34.91 21.94 -11.18
C LYS A 714 35.15 21.51 -9.74
N ARG A 715 34.58 20.37 -9.33
CA ARG A 715 34.75 19.94 -7.95
C ARG A 715 36.13 19.33 -7.70
N TYR A 716 36.67 18.58 -8.66
CA TYR A 716 37.88 17.79 -8.42
C TYR A 716 39.01 18.12 -9.38
N TYR A 717 39.10 19.37 -9.86
CA TYR A 717 40.24 19.74 -10.68
C TYR A 717 41.55 19.65 -9.90
N LEU A 718 41.48 19.73 -8.57
CA LEU A 718 42.67 19.85 -7.71
C LEU A 718 43.23 18.50 -7.26
N LEU A 719 42.59 17.39 -7.60
CA LEU A 719 43.12 16.06 -7.31
C LEU A 719 44.12 15.58 -8.36
N ALA A 720 44.19 16.25 -9.51
CA ALA A 720 45.14 15.95 -10.56
C ALA A 720 45.92 17.22 -10.94
N PRO A 721 47.24 17.11 -11.14
CA PRO A 721 48.01 18.30 -11.50
C PRO A 721 47.60 18.90 -12.84
N ASN A 722 47.73 20.22 -12.92
CA ASN A 722 47.61 20.99 -14.16
C ASN A 722 46.26 20.81 -14.84
N VAL A 723 45.19 20.72 -14.06
CA VAL A 723 43.84 20.62 -14.61
C VAL A 723 43.12 21.92 -14.31
N PRO A 724 42.69 22.70 -15.31
CA PRO A 724 42.03 23.97 -15.02
C PRO A 724 40.61 23.74 -14.51
N ARG A 725 40.19 24.58 -13.55
CA ARG A 725 38.87 24.39 -12.95
C ARG A 725 37.78 24.47 -14.01
N ASP A 726 37.88 25.46 -14.90
CA ASP A 726 37.00 25.59 -16.05
C ASP A 726 37.73 25.15 -17.33
N ALA A 727 37.89 23.85 -17.51
CA ALA A 727 38.53 23.35 -18.72
C ALA A 727 37.59 23.47 -19.92
N GLU A 728 38.19 23.72 -21.09
CA GLU A 728 37.39 23.74 -22.31
C GLU A 728 36.84 22.35 -22.63
N ASP A 729 37.68 21.33 -22.50
CA ASP A 729 37.30 19.94 -22.75
C ASP A 729 37.25 19.24 -21.39
N SER A 730 36.05 19.22 -20.79
CA SER A 730 35.88 18.60 -19.47
C SER A 730 35.97 17.09 -19.57
N GLN A 731 35.50 16.51 -20.67
CA GLN A 731 35.66 15.08 -20.89
C GLN A 731 37.12 14.68 -20.70
N LYS A 732 38.01 15.34 -21.43
CA LYS A 732 39.44 15.08 -21.29
C LYS A 732 39.92 15.40 -19.88
N ALA A 733 39.40 16.48 -19.29
CA ALA A 733 39.81 16.86 -17.94
C ALA A 733 39.37 15.83 -16.91
N THR A 734 38.21 15.21 -17.12
CA THR A 734 37.78 14.15 -16.21
C THR A 734 38.67 12.92 -16.35
N ASP A 735 38.96 12.51 -17.59
CA ASP A 735 39.89 11.40 -17.80
C ASP A 735 41.22 11.66 -17.12
N ALA A 736 41.68 12.92 -17.14
CA ALA A 736 42.92 13.27 -16.47
C ALA A 736 42.85 12.97 -14.98
N VAL A 737 41.78 13.41 -14.32
CA VAL A 737 41.64 13.19 -12.89
C VAL A 737 41.57 11.70 -12.59
N LEU A 738 40.75 10.97 -13.35
CA LEU A 738 40.57 9.54 -13.09
C LEU A 738 41.86 8.77 -13.32
N LYS A 739 42.53 9.04 -14.44
CA LYS A 739 43.80 8.38 -14.71
C LYS A 739 44.82 8.68 -13.62
N HIS A 740 44.92 9.96 -13.23
CA HIS A 740 45.90 10.33 -12.22
C HIS A 740 45.61 9.65 -10.88
N LEU A 741 44.34 9.51 -10.54
CA LEU A 741 43.96 8.86 -9.29
C LEU A 741 43.97 7.33 -9.39
N ASN A 742 44.29 6.78 -10.56
CA ASN A 742 44.32 5.34 -10.76
C ASN A 742 42.98 4.70 -10.40
N ILE A 743 41.89 5.36 -10.79
CA ILE A 743 40.56 4.81 -10.57
C ILE A 743 40.39 3.57 -11.44
N ASP A 744 39.82 2.52 -10.86
CA ASP A 744 39.53 1.29 -11.58
C ASP A 744 38.60 1.59 -12.76
N PRO A 745 39.04 1.36 -14.01
CA PRO A 745 38.19 1.73 -15.15
C PRO A 745 36.87 0.97 -15.20
N GLU A 746 36.79 -0.18 -14.51
CA GLU A 746 35.52 -0.91 -14.44
C GLU A 746 34.45 -0.14 -13.69
N GLN A 747 34.84 0.85 -12.90
CA GLN A 747 33.92 1.54 -12.02
C GLN A 747 33.26 2.75 -12.66
N TYR A 748 33.66 3.16 -13.86
CA TYR A 748 33.02 4.29 -14.51
C TYR A 748 32.79 4.00 -15.98
N ARG A 749 31.84 4.72 -16.56
CA ARG A 749 31.60 4.74 -18.00
C ARG A 749 31.49 6.18 -18.48
N PHE A 750 31.95 6.44 -19.70
CA PHE A 750 31.98 7.80 -20.26
C PHE A 750 30.74 7.97 -21.15
N GLY A 751 29.82 8.87 -20.74
CA GLY A 751 28.69 9.25 -21.55
C GLY A 751 29.03 10.40 -22.47
N ILE A 752 28.05 10.83 -23.27
CA ILE A 752 28.28 11.96 -24.15
C ILE A 752 28.16 13.26 -23.38
N THR A 753 27.34 13.31 -22.34
CA THR A 753 27.25 14.49 -21.48
C THR A 753 27.70 14.25 -20.04
N LYS A 754 27.65 13.02 -19.54
CA LYS A 754 27.96 12.75 -18.15
C LYS A 754 28.92 11.58 -18.02
N ILE A 755 29.53 11.46 -16.84
CA ILE A 755 30.33 10.29 -16.47
C ILE A 755 29.51 9.45 -15.52
N PHE A 756 29.37 8.16 -15.85
CA PHE A 756 28.60 7.25 -15.03
C PHE A 756 29.53 6.55 -14.06
N PHE A 757 29.14 6.50 -12.79
CA PHE A 757 29.97 5.89 -11.75
C PHE A 757 29.22 4.75 -11.09
N ARG A 758 29.98 3.73 -10.69
CA ARG A 758 29.41 2.64 -9.92
C ARG A 758 29.30 3.04 -8.45
N ALA A 759 28.52 2.27 -7.70
CA ALA A 759 28.36 2.54 -6.28
C ALA A 759 29.71 2.58 -5.58
N GLY A 760 29.93 3.62 -4.78
CA GLY A 760 31.12 3.74 -3.98
C GLY A 760 32.27 4.50 -4.63
N GLN A 761 32.31 4.55 -5.97
CA GLN A 761 33.46 5.18 -6.62
C GLN A 761 33.47 6.68 -6.40
N LEU A 762 32.31 7.34 -6.51
CA LEU A 762 32.27 8.78 -6.32
C LEU A 762 32.56 9.15 -4.86
N ALA A 763 32.18 8.29 -3.92
CA ALA A 763 32.48 8.56 -2.51
C ALA A 763 33.98 8.54 -2.26
N ARG A 764 34.69 7.59 -2.86
CA ARG A 764 36.14 7.52 -2.67
C ARG A 764 36.81 8.77 -3.25
N ILE A 765 36.38 9.21 -4.43
CA ILE A 765 36.93 10.43 -4.99
C ILE A 765 36.61 11.62 -4.09
N GLU A 766 35.41 11.62 -3.49
CA GLU A 766 35.06 12.68 -2.56
C GLU A 766 35.96 12.64 -1.33
N GLU A 767 36.21 11.44 -0.80
CA GLU A 767 37.14 11.33 0.33
C GLU A 767 38.53 11.84 -0.05
N ALA A 768 39.01 11.45 -1.24
CA ALA A 768 40.32 11.93 -1.69
C ALA A 768 40.37 13.44 -1.73
N ARG A 769 39.27 14.09 -2.14
CA ARG A 769 39.21 15.54 -2.15
C ARG A 769 39.30 16.10 -0.73
N GLU A 770 38.61 15.46 0.21
CA GLU A 770 38.63 15.93 1.60
C GLU A 770 40.06 15.91 2.15
N GLN A 771 40.75 14.79 2.01
CA GLN A 771 42.09 14.66 2.57
C GLN A 771 43.03 15.73 2.01
N ARG A 772 42.96 15.98 0.70
CA ARG A 772 43.91 16.91 0.09
C ARG A 772 43.71 18.33 0.63
N LEU A 773 42.45 18.77 0.76
CA LEU A 773 42.17 20.09 1.32
C LEU A 773 42.29 20.10 2.84
N GLU A 774 42.12 18.94 3.48
CA GLU A 774 42.48 18.83 4.88
C GLU A 774 43.94 19.23 5.09
N SER A 775 44.81 18.80 4.19
CA SER A 775 46.25 19.03 4.36
C SER A 775 46.60 20.48 4.09
N ASN A 776 46.09 21.03 2.97
CA ASN A 776 46.35 22.40 2.52
C ASN A 776 47.50 23.06 3.27
#